data_8VYF
#
_entry.id   8VYF
#
loop_
_entity.id
_entity.type
_entity.pdbx_description
1 polymer 'Spike glycoprotein'
2 polymer 'S2L20 Heavy Chain'
3 polymer 'S2L20 Light Chain'
4 polymer 'S2X303 Heavy Chain'
5 polymer 'S2X303 Light Chain'
6 branched beta-D-mannopyranose-(1-4)-2-acetamido-2-deoxy-beta-D-glucopyranose-(1-4)-2-acetamido-2-deoxy-beta-D-glucopyranose
7 branched 2-acetamido-2-deoxy-beta-D-glucopyranose-(1-4)-2-acetamido-2-deoxy-beta-D-glucopyranose
8 non-polymer 2-acetamido-2-deoxy-beta-D-glucopyranose
#
loop_
_entity_poly.entity_id
_entity_poly.type
_entity_poly.pdbx_seq_one_letter_code
_entity_poly.pdbx_strand_id
1 'polypeptide(L)'
;MFVFLVLLPLVSSQCVNLTTRTQLPPAYTNSFTRGVYYPDKVFRSSVLHSTQDLFLPFFSNVTWFHAIHVSGTNVIKRFD
NPVLPFNDGVYFASTEKSNIIRGWIFGTTLDSKTQSLLIVNNATNVVIKVCEFQFCNDPFLGVYYHKNNKSWMESEFRVY
SSANNCTFEYVSQPFLMDLEGKQGNFKNLREFVFKNIDGYFKIYSKHTPINLVRDLPQGFSALEPLVDLPIGINITRFQT
LLALHNSSSGWTAGAAAYYVGYLQPRTFLLKYNENGTITDAVDCALDPLSETKCTLKSFTVEKGIYQTSNFRVQPTESIV
RFPNITNLCPFGEVFNATRFASVYAWNRKRISNCVADYSVLYNSASFSTFKCYGVCPTKLNDLCFTNVYADSFVIRGDEV
RQIAPGQTGKIADYNYKLPDDFTGCVIAWNSNNLDSKVGGNYNYQYRLFRKSNLKPFERDISTEIYQAGSTPCNGVEGFN
CYSPLQSYGFQPTNGVGYQPYRVVVLSFELLHAPATVCGPKKSTNLVKNKCVNFNFNGLTGTGVLTESNKKFLPFQQFGR
DIADTTDAVRDPQTLEILDITPCSFGGVSVITPGTNTSNQVAVLYQGVNCTEVPVAIHADQLTPTWRVYSTGSNVFQTRA
GCLIGAEHVNNSYECDIPIGAGICASYQTQTNSPRRARSVASQSIIAYTMSLGAENSVAYSNNSIAIPTNFTISVTTEIL
PVSMTKTSVDCTMYICGDSTECSNLLLQYGSFCTQLNRALTGIAVEQDKNTQEVFAQVKQIYKTPPIKDFGGFNFSQILP
DPSKPSKRSPIEDLLFNKVTLADAGFIKQYGDCLGDIAARDLICAQKFNGLNVLPPLLTDEMIAQYTSALLAGTITSGWT
FGAGPALQIPFPMQMAYRFNGIGVTQNVLYENQKLIANQFNSAIGKIQDSLSSTPSALGKLQDVVNQNAQALNTLVKQLS
SNFGAISSVLNDILSRLCPPEAEVQIDRLITGRLQSLQTYVTQQLIRAAEIRASANLAATKMSECVLGQSKRVDFCGKGY
HLMSFPQSAPHGVVFLHVTYVPAQEKNFTTAPAICHDGKAHFPREGVFVSNGTHWFVTQRNFYEPQIITTDNTFVSGNCD
VVIGIVNNTVYDPLQPELDSFKEELDKYFKNHTSPDVDLGDISGINASVVNIQKEIDRLNEVAKNLNESLIDLQELGKYE
QGSGYIPEAPRDGQAYVRKDGEWVLLSTFLGRSLEVLFQGPGSGGLNDIFEAQKIEWHEGSGHHHHHHHH
;
A
2 'polypeptide(L)'
;EVQLVESGGGVVQPGGSLRLSCAASGFTFNSYGMHWVRQAPGKGLEWVAFIRYDGGNKYYADSVKGRFTISRDNSKNTLY
LQMKSLRAEDTAVYYCANLKDSRYSGSYYDYWGQGTLVTVSS
;
B
3 'polypeptide(L)'
;VIWMTQSPSSLSASVGDRVTITCQASQDIRFYLNWYQQKPGKAPKLLISDASNMETGVPSRFSGSGSGTDFTFTISSLQP
EDIATYYCQQYDNLPFTFGPGTKVDFK
;
C
4 'polypeptide(L)'
;QITLKESGPTLVKPTQTLTLTCKLSGFSVNTGGVGVGWIRQPPGKALEWLALIYWNDDKLYSPSLKSRLTVTKDTSKNQV
VLTMTNMDPVDTATYYCAHVLVWFGEVLPDAFDVWGQGTMVTVSS
;
H
5 'polypeptide(L)'
;SYELTQPPSVSVSPGQTASITCSGDKLGETYASWYQQKPGQSPILVIYQDNKRPSGIPERFSGSNSENTATLTISGTQTM
DEADYYCQAWDKTIAGFGGGTKLTV
;
L
#
loop_
_chem_comp.id
_chem_comp.type
_chem_comp.name
_chem_comp.formula
BMA D-saccharide, beta linking beta-D-mannopyranose 'C6 H12 O6'
NAG D-saccharide, beta linking 2-acetamido-2-deoxy-beta-D-glucopyranose 'C8 H15 N O6'
#
# COMPACT_ATOMS: atom_id res chain seq x y z
N GLN A 14 -1.33 -5.84 14.99
CA GLN A 14 -1.11 -4.85 13.95
C GLN A 14 -1.96 -5.12 12.71
N CYS A 15 -1.89 -6.36 12.19
CA CYS A 15 -2.65 -6.75 11.00
C CYS A 15 -4.14 -6.83 11.29
N VAL A 16 -4.95 -6.43 10.32
CA VAL A 16 -6.40 -6.49 10.43
C VAL A 16 -7.02 -7.34 9.31
N ASN A 17 -7.87 -8.30 9.69
CA ASN A 17 -8.56 -9.15 8.74
C ASN A 17 -9.80 -8.44 8.19
N LEU A 18 -9.83 -8.25 6.87
CA LEU A 18 -10.90 -7.53 6.19
C LEU A 18 -11.66 -8.48 5.25
N ARG A 21 -14.79 -9.09 1.08
CA ARG A 21 -14.09 -8.68 -0.14
C ARG A 21 -14.80 -9.24 -1.38
N THR A 22 -15.44 -8.35 -2.15
CA THR A 22 -16.18 -8.72 -3.36
C THR A 22 -15.40 -8.35 -4.61
N GLN A 23 -15.23 -9.32 -5.51
CA GLN A 23 -14.54 -9.07 -6.77
C GLN A 23 -15.53 -8.86 -7.91
N LEU A 24 -15.31 -7.82 -8.70
CA LEU A 24 -16.12 -7.53 -9.88
C LEU A 24 -15.29 -7.79 -11.13
N PRO A 25 -15.92 -8.05 -12.28
CA PRO A 25 -15.29 -8.18 -13.57
C PRO A 25 -14.64 -6.86 -13.95
N PRO A 26 -13.53 -6.91 -14.71
CA PRO A 26 -12.68 -5.80 -15.09
C PRO A 26 -13.32 -4.87 -16.10
N ALA A 27 -12.92 -3.61 -16.05
CA ALA A 27 -13.28 -2.62 -17.06
C ALA A 27 -12.03 -2.23 -17.81
N TYR A 28 -12.18 -1.74 -19.04
CA TYR A 28 -11.02 -1.37 -19.84
C TYR A 28 -11.12 0.03 -20.42
N THR A 29 -9.98 0.68 -20.58
CA THR A 29 -9.91 1.99 -21.21
C THR A 29 -8.85 2.02 -22.31
N ASN A 30 -8.83 3.10 -23.08
CA ASN A 30 -7.91 3.28 -24.20
C ASN A 30 -6.69 4.10 -23.79
N SER A 31 -5.51 3.50 -23.87
CA SER A 31 -4.27 4.17 -23.47
C SER A 31 -3.84 5.27 -24.43
N PHE A 32 -4.45 5.30 -25.61
CA PHE A 32 -4.09 6.24 -26.64
C PHE A 32 -2.59 6.26 -26.89
N THR A 33 -1.95 7.41 -26.63
CA THR A 33 -0.53 7.56 -26.90
C THR A 33 0.28 7.88 -25.66
N ARG A 34 -0.21 7.44 -24.50
CA ARG A 34 0.45 7.72 -23.24
C ARG A 34 1.35 6.57 -22.80
N GLY A 35 2.27 6.85 -21.86
CA GLY A 35 3.15 5.82 -21.32
C GLY A 35 4.57 5.91 -21.86
N VAL A 36 4.83 6.98 -22.62
CA VAL A 36 6.16 7.23 -23.18
C VAL A 36 7.03 7.95 -22.16
N TYR A 37 8.31 7.58 -22.11
CA TYR A 37 9.25 8.16 -21.17
C TYR A 37 10.62 8.35 -21.81
N TYR A 38 11.45 9.18 -21.19
CA TYR A 38 12.81 9.42 -21.67
C TYR A 38 13.67 8.16 -21.47
N PRO A 39 14.16 7.53 -22.54
CA PRO A 39 14.85 6.25 -22.55
C PRO A 39 16.20 6.32 -21.84
N ASP A 40 16.79 7.51 -21.79
CA ASP A 40 18.06 7.70 -21.10
C ASP A 40 18.21 9.15 -20.65
N LYS A 41 19.38 9.49 -20.13
CA LYS A 41 19.61 10.81 -19.55
C LYS A 41 20.43 11.71 -20.46
N VAL A 42 20.52 11.34 -21.74
CA VAL A 42 21.29 12.13 -22.69
C VAL A 42 20.45 13.22 -23.30
N PHE A 43 20.96 14.45 -23.29
CA PHE A 43 20.22 15.56 -23.85
C PHE A 43 20.24 15.53 -25.37
N ARG A 44 19.07 15.69 -25.96
CA ARG A 44 18.92 15.76 -27.40
C ARG A 44 17.95 16.87 -27.75
N SER A 45 18.11 17.48 -28.92
CA SER A 45 17.18 18.52 -29.35
C SER A 45 17.06 18.58 -30.86
N SER A 46 15.91 19.05 -31.33
CA SER A 46 15.66 19.24 -32.77
C SER A 46 16.05 17.99 -33.56
N VAL A 47 15.58 16.83 -33.12
CA VAL A 47 15.97 15.58 -33.75
C VAL A 47 14.93 14.48 -33.60
N LEU A 48 14.83 13.62 -34.60
CA LEU A 48 14.02 12.43 -34.50
C LEU A 48 14.91 11.24 -34.15
N HIS A 49 14.70 10.70 -32.96
CA HIS A 49 15.57 9.65 -32.43
C HIS A 49 14.84 8.32 -32.33
N SER A 50 15.42 7.28 -32.94
CA SER A 50 14.81 5.96 -32.92
C SER A 50 15.42 5.11 -31.81
N THR A 51 14.57 4.54 -30.96
CA THR A 51 15.04 3.73 -29.85
C THR A 51 14.17 2.51 -29.62
N GLN A 52 14.79 1.44 -29.12
CA GLN A 52 14.07 0.22 -28.78
C GLN A 52 14.10 0.00 -27.28
N ASP A 53 12.93 -0.07 -26.66
CA ASP A 53 12.83 -0.21 -25.22
C ASP A 53 11.45 -0.71 -24.83
N LEU A 54 11.22 -0.89 -23.54
CA LEU A 54 9.92 -1.33 -23.07
C LEU A 54 8.96 -0.16 -22.93
N PHE A 55 7.96 -0.12 -23.78
CA PHE A 55 6.99 0.97 -23.81
C PHE A 55 5.58 0.43 -23.78
N LEU A 56 4.65 1.23 -23.31
CA LEU A 56 3.24 0.85 -23.38
C LEU A 56 2.77 0.99 -24.83
N PRO A 57 2.33 -0.08 -25.49
CA PRO A 57 1.89 -0.11 -26.87
C PRO A 57 0.78 0.90 -27.11
N PHE A 58 0.82 1.57 -28.24
CA PHE A 58 -0.18 2.57 -28.53
C PHE A 58 -1.56 1.95 -28.71
N PHE A 59 -2.56 2.63 -28.17
CA PHE A 59 -3.96 2.25 -28.25
C PHE A 59 -4.25 0.90 -27.62
N SER A 60 -3.40 0.46 -26.69
CA SER A 60 -3.65 -0.78 -25.97
C SER A 60 -4.81 -0.64 -24.98
N ASN A 61 -5.34 -1.79 -24.56
CA ASN A 61 -6.41 -1.87 -23.55
C ASN A 61 -5.82 -1.92 -22.14
N VAL A 62 -6.15 -0.90 -21.33
CA VAL A 62 -5.65 -0.75 -19.97
C VAL A 62 -6.74 -1.08 -18.97
N THR A 63 -6.40 -1.88 -17.95
CA THR A 63 -7.40 -2.31 -16.99
C THR A 63 -7.71 -1.20 -15.99
N TRP A 64 -8.99 -0.96 -15.79
CA TRP A 64 -9.46 0.08 -14.89
C TRP A 64 -10.00 -0.52 -13.60
N PHE A 65 -9.29 -0.24 -12.50
CA PHE A 65 -9.66 -0.79 -11.20
C PHE A 65 -10.34 0.23 -10.31
N HIS A 66 -11.31 -0.23 -9.54
CA HIS A 66 -11.96 0.61 -8.54
C HIS A 66 -11.72 0.04 -7.15
N ALA A 67 -10.91 0.72 -6.35
CA ALA A 67 -10.57 0.20 -5.03
C ALA A 67 -11.79 0.19 -4.13
N ILE A 68 -12.58 1.26 -4.24
CA ILE A 68 -13.81 1.37 -3.49
C ILE A 68 -15.00 1.38 -4.46
N HIS A 69 -15.89 0.39 -4.31
CA HIS A 69 -17.03 0.21 -5.21
C HIS A 69 -18.03 1.36 -5.07
N PHE A 79 -15.17 -4.60 -1.34
CA PHE A 79 -13.98 -3.79 -1.58
C PHE A 79 -12.76 -4.70 -1.59
N ASP A 80 -11.96 -4.64 -2.68
CA ASP A 80 -10.75 -5.45 -2.80
C ASP A 80 -9.67 -4.76 -3.63
N ASN A 81 -8.43 -5.14 -3.38
CA ASN A 81 -7.26 -4.63 -4.08
C ASN A 81 -6.34 -5.78 -4.44
N PRO A 82 -6.57 -6.43 -5.59
CA PRO A 82 -6.06 -7.72 -5.97
C PRO A 82 -4.57 -7.67 -6.24
N VAL A 83 -3.90 -8.81 -6.06
CA VAL A 83 -2.50 -8.94 -6.43
C VAL A 83 -2.39 -9.15 -7.93
N LEU A 84 -1.57 -8.32 -8.57
CA LEU A 84 -1.44 -8.35 -10.01
C LEU A 84 -0.05 -8.83 -10.41
N PRO A 85 0.11 -9.42 -11.58
CA PRO A 85 1.37 -9.79 -12.19
C PRO A 85 2.17 -8.55 -12.55
N PHE A 86 3.49 -8.65 -12.53
CA PHE A 86 4.36 -7.57 -12.90
C PHE A 86 4.81 -7.70 -14.35
N ASN A 87 4.89 -8.94 -14.82
CA ASN A 87 5.36 -9.23 -16.16
C ASN A 87 6.72 -8.59 -16.42
N ASP A 88 6.84 -7.79 -17.49
CA ASP A 88 8.12 -7.20 -17.84
C ASP A 88 8.19 -5.73 -17.52
N GLY A 89 7.23 -5.23 -16.77
CA GLY A 89 7.17 -3.82 -16.41
C GLY A 89 5.74 -3.34 -16.38
N VAL A 90 5.47 -2.34 -15.55
CA VAL A 90 4.11 -1.89 -15.34
C VAL A 90 3.90 -0.39 -15.52
N TYR A 91 2.84 -0.04 -16.22
CA TYR A 91 2.38 1.34 -16.32
C TYR A 91 1.23 1.54 -15.35
N PHE A 92 1.38 2.51 -14.45
CA PHE A 92 0.38 2.76 -13.42
C PHE A 92 -0.06 4.20 -13.44
N ALA A 93 -1.36 4.44 -13.35
CA ALA A 93 -1.86 5.80 -13.32
C ALA A 93 -3.06 5.92 -12.39
N SER A 94 -3.24 7.10 -11.79
CA SER A 94 -4.38 7.31 -10.91
C SER A 94 -4.90 8.74 -11.00
N THR A 95 -6.17 8.92 -10.65
CA THR A 95 -6.79 10.23 -10.64
C THR A 95 -7.60 10.47 -9.38
N GLU A 96 -6.90 10.75 -8.28
CA GLU A 96 -7.55 10.97 -7.00
C GLU A 96 -6.88 12.12 -6.25
N LYS A 97 -7.69 12.89 -5.52
CA LYS A 97 -7.21 14.07 -4.81
C LYS A 97 -7.17 13.88 -3.30
N SER A 98 -7.63 12.72 -2.84
CA SER A 98 -7.77 12.45 -1.42
C SER A 98 -6.51 11.83 -0.81
N ASN A 99 -5.50 11.61 -1.65
CA ASN A 99 -4.26 10.99 -1.20
C ASN A 99 -4.51 9.64 -0.53
N ILE A 100 -5.36 8.83 -1.17
CA ILE A 100 -5.69 7.50 -0.69
C ILE A 100 -4.59 6.51 -1.05
N ILE A 101 -4.06 6.62 -2.26
CA ILE A 101 -2.98 5.72 -2.66
C ILE A 101 -1.67 6.19 -2.03
N ARG A 102 -0.99 5.28 -1.34
CA ARG A 102 0.24 5.67 -0.66
C ARG A 102 1.48 4.97 -1.21
N GLY A 103 1.33 3.76 -1.71
CA GLY A 103 2.53 3.04 -2.12
C GLY A 103 2.24 1.69 -2.76
N TRP A 104 3.31 0.93 -2.98
CA TRP A 104 3.22 -0.35 -3.66
C TRP A 104 4.11 -1.40 -3.00
N ILE A 105 3.70 -2.66 -3.13
CA ILE A 105 4.53 -3.79 -2.72
C ILE A 105 4.94 -4.60 -3.93
N PHE A 106 6.24 -4.81 -4.10
CA PHE A 106 6.74 -5.60 -5.22
C PHE A 106 7.52 -6.81 -4.72
N GLY A 107 7.28 -7.97 -5.32
CA GLY A 107 8.02 -9.15 -4.90
C GLY A 107 7.56 -10.41 -5.63
N THR A 108 7.79 -11.56 -5.01
CA THR A 108 7.44 -12.84 -5.61
C THR A 108 6.40 -13.57 -4.76
N THR A 109 6.86 -14.26 -3.73
CA THR A 109 5.96 -14.98 -2.83
C THR A 109 5.29 -14.03 -1.85
N LEU A 110 5.82 -12.82 -1.75
CA LEU A 110 5.27 -11.77 -0.89
C LEU A 110 5.10 -12.24 0.55
N ASP A 111 6.09 -12.98 1.04
CA ASP A 111 6.11 -13.43 2.43
C ASP A 111 7.54 -13.55 2.92
N SER A 112 7.71 -14.06 4.13
CA SER A 112 9.01 -14.12 4.78
C SER A 112 10.04 -15.03 4.09
N LYS A 113 9.61 -15.78 3.07
CA LYS A 113 10.52 -16.68 2.38
C LYS A 113 11.53 -15.95 1.48
N THR A 114 11.14 -14.78 0.96
CA THR A 114 12.00 -14.06 0.03
C THR A 114 12.06 -12.58 0.35
N GLN A 115 13.01 -11.88 -0.27
CA GLN A 115 13.09 -10.43 -0.11
C GLN A 115 12.02 -9.75 -0.93
N SER A 116 11.42 -8.71 -0.36
CA SER A 116 10.40 -7.93 -1.06
C SER A 116 10.70 -6.44 -0.96
N LEU A 117 10.23 -5.70 -1.96
CA LEU A 117 10.41 -4.26 -2.03
C LEU A 117 9.16 -3.50 -1.59
N LEU A 118 9.30 -2.70 -0.55
CA LEU A 118 8.18 -1.93 -0.03
C LEU A 118 8.40 -0.43 -0.23
N ILE A 119 7.56 0.18 -1.07
CA ILE A 119 7.64 1.62 -1.32
C ILE A 119 6.42 2.33 -0.77
N VAL A 120 6.59 3.08 0.32
CA VAL A 120 5.45 3.72 0.94
C VAL A 120 5.67 5.20 1.24
N ASN A 121 4.72 6.01 0.81
CA ASN A 121 4.70 7.43 1.14
C ASN A 121 3.92 7.66 2.42
N ASN A 122 4.37 8.62 3.24
CA ASN A 122 3.64 9.05 4.43
C ASN A 122 3.48 10.57 4.43
N ALA A 123 3.12 11.14 5.59
CA ALA A 123 2.81 12.56 5.70
C ALA A 123 3.94 13.50 5.24
N THR A 124 5.19 13.12 5.44
CA THR A 124 6.28 14.04 5.14
C THR A 124 7.36 13.50 4.20
N ASN A 125 7.46 12.18 4.08
CA ASN A 125 8.56 11.58 3.31
C ASN A 125 8.16 10.28 2.62
N VAL A 126 9.11 9.71 1.88
CA VAL A 126 8.91 8.39 1.28
C VAL A 126 10.00 7.43 1.76
N VAL A 127 9.58 6.25 2.18
CA VAL A 127 10.52 5.26 2.68
C VAL A 127 10.51 4.00 1.83
N ILE A 128 11.68 3.64 1.33
CA ILE A 128 11.82 2.45 0.51
C ILE A 128 12.72 1.44 1.18
N LYS A 129 12.19 0.25 1.42
CA LYS A 129 12.96 -0.80 2.09
C LYS A 129 12.89 -2.13 1.38
N VAL A 130 13.98 -2.88 1.44
CA VAL A 130 13.99 -4.24 0.92
C VAL A 130 14.37 -5.21 2.04
N CYS A 131 13.42 -6.05 2.45
CA CYS A 131 13.54 -6.95 3.58
C CYS A 131 12.74 -8.22 3.37
N GLU A 132 12.94 -9.21 4.23
CA GLU A 132 12.11 -10.39 4.18
C GLU A 132 10.84 -10.14 4.98
N PHE A 133 9.94 -9.37 4.36
CA PHE A 133 8.73 -8.92 5.01
C PHE A 133 7.70 -10.03 5.13
N GLN A 134 7.04 -10.10 6.28
CA GLN A 134 5.88 -10.95 6.42
C GLN A 134 4.63 -10.08 6.41
N PHE A 135 4.02 -9.97 5.24
CA PHE A 135 2.95 -9.03 5.00
C PHE A 135 1.63 -9.51 5.57
N CYS A 136 0.76 -8.54 5.91
CA CYS A 136 -0.60 -8.82 6.40
C CYS A 136 -1.48 -9.40 5.29
N ASN A 137 -2.58 -10.03 5.69
CA ASN A 137 -3.50 -10.64 4.72
C ASN A 137 -4.10 -9.61 3.78
N ASP A 138 -4.28 -8.39 4.28
CA ASP A 138 -4.80 -7.30 3.48
C ASP A 138 -4.25 -5.99 4.01
N PRO A 139 -3.01 -5.65 3.65
CA PRO A 139 -2.18 -4.61 4.24
C PRO A 139 -2.68 -3.22 3.89
N PHE A 140 -2.53 -2.29 4.83
CA PHE A 140 -2.92 -0.90 4.60
C PHE A 140 -2.32 0.05 5.63
N LEU A 141 -2.52 1.34 5.40
CA LEU A 141 -2.13 2.36 6.37
C LEU A 141 -3.38 2.93 7.01
N GLY A 142 -3.35 3.15 8.33
CA GLY A 142 -4.51 3.67 9.01
C GLY A 142 -4.41 5.17 9.24
N VAL A 143 -5.51 5.87 8.98
CA VAL A 143 -5.61 7.30 9.21
C VAL A 143 -6.93 7.63 9.92
N TYR A 144 -7.03 8.86 10.44
CA TYR A 144 -8.32 9.34 10.95
C TYR A 144 -8.51 10.80 10.58
N TYR A 145 -9.76 11.25 10.61
CA TYR A 145 -10.09 12.59 10.13
C TYR A 145 -10.51 13.55 11.22
N HIS A 146 -10.34 14.84 10.92
CA HIS A 146 -10.73 15.96 11.77
C HIS A 146 -12.25 16.03 11.88
N LYS A 147 -12.76 17.01 12.64
CA LYS A 147 -14.19 17.23 12.71
C LYS A 147 -14.70 17.58 11.32
N ASN A 148 -13.87 18.29 10.55
CA ASN A 148 -14.19 18.63 9.17
C ASN A 148 -13.60 17.56 8.22
N ASN A 149 -13.88 17.69 6.92
CA ASN A 149 -13.45 16.71 5.92
C ASN A 149 -12.28 17.24 5.08
N LYS A 150 -11.56 18.25 5.59
CA LYS A 150 -10.44 18.87 4.88
C LYS A 150 -9.11 18.61 5.57
N SER A 151 -9.13 17.80 6.62
CA SER A 151 -7.93 17.58 7.42
C SER A 151 -7.88 16.16 7.98
N TRP A 152 -6.67 15.60 8.05
CA TRP A 152 -6.46 14.26 8.56
C TRP A 152 -5.12 14.12 9.28
N MET A 153 -5.01 13.06 10.07
CA MET A 153 -3.79 12.74 10.79
C MET A 153 -3.56 11.23 10.77
N GLU A 154 -2.29 10.82 10.84
CA GLU A 154 -1.94 9.40 10.78
C GLU A 154 -2.32 8.67 12.06
N SER A 155 -2.62 7.38 11.93
CA SER A 155 -2.99 6.56 13.08
C SER A 155 -1.97 5.45 13.35
N GLU A 156 -1.87 4.50 12.43
CA GLU A 156 -1.03 3.32 12.63
C GLU A 156 -0.56 2.74 11.29
N PHE A 157 0.56 2.03 11.32
CA PHE A 157 1.12 1.40 10.12
C PHE A 157 0.83 -0.11 10.16
N ARG A 158 -0.04 -0.57 9.25
CA ARG A 158 -0.52 -1.95 9.30
C ARG A 158 -0.28 -2.68 8.00
N VAL A 159 0.98 -2.68 7.54
CA VAL A 159 1.32 -3.29 6.26
C VAL A 159 1.90 -4.68 6.45
N TYR A 160 2.78 -4.82 7.43
CA TYR A 160 3.42 -6.11 7.69
C TYR A 160 3.49 -6.39 9.19
N SER A 161 3.54 -7.67 9.53
CA SER A 161 3.62 -8.10 10.92
C SER A 161 5.05 -8.13 11.43
N SER A 162 5.99 -8.36 10.52
CA SER A 162 7.41 -8.41 10.88
C SER A 162 8.30 -8.20 9.67
N ALA A 163 9.57 -7.83 9.93
CA ALA A 163 10.56 -7.71 8.88
C ALA A 163 11.95 -8.00 9.42
N ASN A 164 12.75 -8.71 8.64
CA ASN A 164 14.13 -9.02 9.01
C ASN A 164 15.01 -9.08 7.78
N ASN A 165 16.32 -9.33 8.00
CA ASN A 165 17.28 -9.53 6.91
C ASN A 165 17.23 -8.39 5.88
N CYS A 166 17.21 -7.14 6.35
CA CYS A 166 17.11 -5.98 5.46
C CYS A 166 18.41 -5.69 4.74
N THR A 167 18.33 -5.50 3.41
CA THR A 167 19.50 -5.29 2.59
C THR A 167 19.58 -3.89 1.98
N PHE A 168 18.45 -3.20 1.91
CA PHE A 168 18.42 -1.89 1.28
C PHE A 168 17.46 -0.93 1.98
N GLU A 169 17.89 0.31 2.15
CA GLU A 169 17.02 1.35 2.69
C GLU A 169 17.30 2.70 2.04
N TYR A 170 16.24 3.39 1.66
CA TYR A 170 16.34 4.70 1.03
C TYR A 170 15.23 5.63 1.51
N VAL A 171 15.59 6.87 1.83
CA VAL A 171 14.60 7.86 2.26
C VAL A 171 14.77 9.16 1.49
N SER A 172 13.67 9.70 0.99
CA SER A 172 13.68 10.96 0.24
C SER A 172 12.35 11.69 0.35
N GLN A 173 12.14 12.63 -0.58
CA GLN A 173 10.91 13.42 -0.61
C GLN A 173 9.78 12.59 -1.23
N PRO A 174 8.51 12.87 -0.87
CA PRO A 174 7.32 12.18 -1.30
C PRO A 174 7.18 12.09 -2.82
N PHE A 175 6.65 10.96 -3.30
CA PHE A 175 6.37 10.77 -4.72
C PHE A 175 4.94 11.21 -5.08
N LEU A 176 4.02 11.13 -4.12
CA LEU A 176 2.60 11.40 -4.31
C LEU A 176 2.16 12.62 -3.50
N PHE A 186 -10.82 20.74 -11.08
CA PHE A 186 -10.08 19.76 -11.87
C PHE A 186 -9.59 18.60 -10.99
N LYS A 187 -8.93 17.61 -11.61
CA LYS A 187 -8.36 16.46 -10.93
C LYS A 187 -6.86 16.37 -11.17
N ASN A 188 -6.17 15.67 -10.27
CA ASN A 188 -4.73 15.47 -10.38
C ASN A 188 -4.40 14.10 -10.96
N LEU A 189 -3.77 14.09 -12.13
CA LEU A 189 -3.38 12.84 -12.77
C LEU A 189 -1.92 12.52 -12.52
N ARG A 190 -1.67 11.35 -11.94
CA ARG A 190 -0.31 10.94 -11.65
C ARG A 190 0.02 9.66 -12.39
N GLU A 191 1.14 9.66 -13.10
CA GLU A 191 1.54 8.50 -13.90
C GLU A 191 2.92 8.01 -13.51
N PHE A 192 3.05 6.69 -13.41
CA PHE A 192 4.31 6.04 -13.06
C PHE A 192 4.64 4.88 -13.99
N VAL A 193 5.93 4.66 -14.21
CA VAL A 193 6.38 3.47 -14.91
C VAL A 193 7.40 2.72 -14.07
N PHE A 194 7.16 1.43 -13.88
CA PHE A 194 8.03 0.60 -13.06
C PHE A 194 8.74 -0.46 -13.89
N LYS A 195 10.07 -0.38 -13.92
CA LYS A 195 10.89 -1.35 -14.66
C LYS A 195 11.90 -2.02 -13.74
N ASN A 196 12.32 -3.23 -14.09
CA ASN A 196 13.32 -3.94 -13.31
C ASN A 196 14.33 -4.62 -14.23
N ILE A 197 15.44 -3.92 -14.51
CA ILE A 197 16.40 -4.41 -15.48
C ILE A 197 17.80 -4.55 -14.88
N ASP A 198 18.36 -5.75 -14.97
CA ASP A 198 19.69 -6.04 -14.48
C ASP A 198 19.84 -5.67 -13.00
N GLY A 199 18.79 -5.88 -12.23
CA GLY A 199 18.83 -5.64 -10.80
C GLY A 199 18.45 -4.21 -10.41
N TYR A 200 18.29 -3.33 -11.39
CA TYR A 200 17.94 -1.95 -11.09
C TYR A 200 16.46 -1.70 -11.23
N PHE A 201 15.84 -1.21 -10.15
CA PHE A 201 14.43 -0.89 -10.17
C PHE A 201 14.27 0.59 -10.52
N LYS A 202 13.77 0.84 -11.70
CA LYS A 202 13.72 2.19 -12.23
C LYS A 202 12.31 2.75 -12.20
N ILE A 203 12.18 3.96 -11.67
CA ILE A 203 10.87 4.61 -11.62
C ILE A 203 10.87 5.90 -12.40
N TYR A 204 9.87 6.05 -13.27
CA TYR A 204 9.64 7.28 -14.03
C TYR A 204 8.31 7.85 -13.59
N SER A 205 8.13 9.16 -13.68
CA SER A 205 6.85 9.74 -13.28
C SER A 205 6.52 11.07 -13.95
N LYS A 206 5.24 11.41 -13.93
CA LYS A 206 4.75 12.71 -14.39
C LYS A 206 3.49 13.11 -13.63
N HIS A 207 3.35 14.41 -13.35
CA HIS A 207 2.17 14.92 -12.68
C HIS A 207 1.56 16.09 -13.45
N THR A 208 0.35 15.89 -13.96
CA THR A 208 -0.35 16.91 -14.73
C THR A 208 -1.80 17.03 -14.25
N PRO A 209 -2.44 18.18 -14.48
CA PRO A 209 -3.87 18.41 -14.29
C PRO A 209 -4.68 17.73 -15.39
N ILE A 210 -5.90 17.30 -15.04
CA ILE A 210 -6.81 16.71 -16.01
C ILE A 210 -8.23 17.24 -15.81
N ASN A 211 -8.95 17.44 -16.91
CA ASN A 211 -10.32 17.96 -16.86
C ASN A 211 -11.38 16.95 -17.29
N LEU A 212 -11.07 15.67 -17.17
CA LEU A 212 -12.02 14.61 -17.50
C LEU A 212 -12.62 14.01 -16.24
N VAL A 213 -13.81 13.44 -16.37
CA VAL A 213 -14.47 12.87 -15.21
C VAL A 213 -13.94 11.47 -14.86
N ARG A 214 -13.91 10.58 -15.85
CA ARG A 214 -13.51 9.20 -15.57
C ARG A 214 -12.87 8.52 -16.77
N ASP A 215 -11.80 9.12 -17.29
CA ASP A 215 -11.12 8.56 -18.46
C ASP A 215 -9.66 8.99 -18.53
N LEU A 216 -8.94 8.50 -19.52
CA LEU A 216 -7.57 8.94 -19.77
C LEU A 216 -7.57 10.03 -20.83
N PRO A 217 -6.72 11.04 -20.70
CA PRO A 217 -6.61 12.19 -21.58
C PRO A 217 -6.02 11.79 -22.92
N GLN A 218 -6.46 12.45 -23.97
CA GLN A 218 -5.92 12.20 -25.31
C GLN A 218 -4.95 13.30 -25.69
N GLY A 219 -3.67 12.98 -25.61
CA GLY A 219 -2.60 13.94 -25.86
C GLY A 219 -1.25 13.27 -25.61
N PHE A 220 -0.19 14.05 -25.59
CA PHE A 220 1.14 13.47 -25.40
C PHE A 220 1.95 14.18 -24.32
N SER A 221 2.56 13.39 -23.45
CA SER A 221 3.45 13.91 -22.41
C SER A 221 4.40 12.80 -21.97
N ALA A 222 5.69 13.07 -22.02
CA ALA A 222 6.69 12.07 -21.65
C ALA A 222 6.98 12.10 -20.15
N LEU A 223 7.21 10.92 -19.59
CA LEU A 223 7.55 10.79 -18.17
C LEU A 223 9.05 10.92 -17.94
N GLU A 224 9.42 11.54 -16.82
CA GLU A 224 10.83 11.77 -16.50
C GLU A 224 11.31 10.80 -15.43
N PRO A 225 12.61 10.46 -15.40
CA PRO A 225 13.26 9.68 -14.38
C PRO A 225 13.03 10.25 -13.00
N LEU A 226 12.73 9.39 -12.04
CA LEU A 226 12.50 9.80 -10.66
C LEU A 226 13.59 9.27 -9.74
N VAL A 227 13.78 7.96 -9.76
CA VAL A 227 14.77 7.30 -8.92
C VAL A 227 15.23 5.98 -9.50
N ASP A 228 16.48 5.62 -9.26
CA ASP A 228 17.03 4.35 -9.75
C ASP A 228 17.67 3.57 -8.60
N LEU A 229 17.02 2.48 -8.20
CA LEU A 229 17.40 1.75 -7.00
C LEU A 229 18.16 0.44 -7.30
N PRO A 230 19.42 0.33 -6.89
CA PRO A 230 20.32 -0.80 -7.09
C PRO A 230 20.00 -1.92 -6.10
N ILE A 231 18.87 -2.59 -6.29
CA ILE A 231 18.37 -3.55 -5.33
C ILE A 231 18.80 -4.99 -5.59
N GLY A 232 18.66 -5.45 -6.84
CA GLY A 232 19.10 -6.79 -7.20
C GLY A 232 18.15 -7.93 -6.81
N ILE A 233 16.83 -7.71 -6.88
CA ILE A 233 15.89 -8.80 -6.55
C ILE A 233 14.91 -9.04 -7.70
N ASN A 234 14.26 -10.23 -7.67
CA ASN A 234 13.24 -10.60 -8.65
C ASN A 234 11.87 -10.08 -8.23
N ILE A 235 11.10 -9.57 -9.20
CA ILE A 235 9.72 -9.13 -9.00
C ILE A 235 8.81 -9.79 -10.03
N THR A 236 7.77 -10.47 -9.56
CA THR A 236 6.82 -11.11 -10.45
C THR A 236 5.39 -10.65 -10.20
N ARG A 237 5.13 -10.15 -9.00
CA ARG A 237 3.80 -9.72 -8.59
C ARG A 237 3.86 -8.43 -7.78
N PHE A 238 2.77 -7.66 -7.79
CA PHE A 238 2.73 -6.46 -6.98
C PHE A 238 1.33 -6.12 -6.49
N GLN A 239 1.25 -5.31 -5.44
CA GLN A 239 -0.01 -4.90 -4.85
C GLN A 239 0.02 -3.42 -4.47
N THR A 240 -1.14 -2.76 -4.55
CA THR A 240 -1.23 -1.34 -4.21
C THR A 240 -1.69 -1.13 -2.76
N LEU A 241 -0.99 -0.25 -2.05
CA LEU A 241 -1.31 0.09 -0.67
C LEU A 241 -2.12 1.37 -0.55
N LEU A 242 -3.25 1.28 0.14
CA LEU A 242 -4.14 2.42 0.35
C LEU A 242 -4.18 2.85 1.81
N ALA A 243 -4.53 4.12 2.05
CA ALA A 243 -4.78 4.61 3.40
C ALA A 243 -6.27 4.54 3.72
N LEU A 244 -6.62 3.76 4.73
CA LEU A 244 -8.02 3.55 5.10
C LEU A 244 -8.32 4.20 6.44
N HIS A 245 -9.58 4.59 6.63
CA HIS A 245 -10.03 5.08 7.93
C HIS A 245 -11.12 4.16 8.48
N ASN A 246 -11.29 4.15 9.80
CA ASN A 246 -12.25 3.27 10.47
C ASN A 246 -13.59 3.97 10.67
N SER A 247 -14.61 3.52 9.93
CA SER A 247 -15.96 4.06 9.97
C SER A 247 -16.87 3.12 10.76
N SER A 248 -18.09 3.56 11.02
CA SER A 248 -19.06 2.73 11.74
C SER A 248 -19.43 1.47 10.96
N SER A 249 -19.14 1.48 9.67
CA SER A 249 -19.43 0.36 8.78
C SER A 249 -18.18 -0.49 8.52
N GLY A 250 -17.08 -0.15 9.19
CA GLY A 250 -15.81 -0.85 8.99
C GLY A 250 -14.79 0.03 8.29
N TRP A 251 -13.65 -0.56 7.95
CA TRP A 251 -12.56 0.19 7.30
C TRP A 251 -12.94 0.51 5.87
N THR A 252 -12.74 1.77 5.47
CA THR A 252 -13.08 2.19 4.12
C THR A 252 -12.23 3.37 3.65
N ALA A 253 -12.60 3.92 2.50
CA ALA A 253 -11.86 5.02 1.89
C ALA A 253 -12.74 5.73 0.88
N GLY A 254 -12.23 6.83 0.34
CA GLY A 254 -12.96 7.58 -0.68
C GLY A 254 -12.88 6.84 -2.02
N ALA A 255 -13.39 7.46 -3.07
CA ALA A 255 -13.49 6.79 -4.36
C ALA A 255 -12.15 6.73 -5.10
N ALA A 256 -11.23 5.93 -4.58
CA ALA A 256 -9.94 5.73 -5.21
C ALA A 256 -10.06 4.76 -6.38
N ALA A 257 -9.33 5.05 -7.45
CA ALA A 257 -9.30 4.21 -8.64
C ALA A 257 -7.96 4.37 -9.34
N TYR A 258 -7.58 3.37 -10.11
CA TYR A 258 -6.31 3.41 -10.83
C TYR A 258 -6.32 2.54 -12.08
N TYR A 259 -5.36 2.78 -12.96
CA TYR A 259 -5.23 2.07 -14.22
C TYR A 259 -3.93 1.28 -14.27
N VAL A 260 -3.99 0.06 -14.80
CA VAL A 260 -2.78 -0.75 -14.93
C VAL A 260 -2.58 -1.30 -16.34
N GLY A 261 -1.43 -1.00 -16.91
CA GLY A 261 -1.06 -1.51 -18.23
C GLY A 261 0.28 -2.22 -18.16
N TYR A 262 0.70 -2.85 -19.24
CA TYR A 262 1.97 -3.57 -19.24
C TYR A 262 2.82 -3.18 -20.43
N LEU A 263 4.14 -3.16 -20.23
CA LEU A 263 5.06 -2.73 -21.25
C LEU A 263 5.45 -3.87 -22.18
N GLN A 264 5.80 -3.54 -23.42
CA GLN A 264 6.30 -4.51 -24.37
C GLN A 264 7.53 -3.94 -25.10
N PRO A 265 8.44 -4.81 -25.56
CA PRO A 265 9.61 -4.49 -26.34
C PRO A 265 9.22 -4.05 -27.74
N ARG A 266 9.20 -2.74 -27.95
CA ARG A 266 8.79 -2.15 -29.22
C ARG A 266 9.71 -1.02 -29.63
N THR A 267 9.69 -0.69 -30.92
CA THR A 267 10.51 0.39 -31.44
C THR A 267 9.69 1.67 -31.59
N PHE A 268 10.19 2.74 -30.99
CA PHE A 268 9.55 4.04 -31.04
C PHE A 268 10.42 5.09 -31.71
N LEU A 269 9.79 5.98 -32.45
CA LEU A 269 10.48 7.15 -32.98
C LEU A 269 10.08 8.37 -32.14
N LEU A 270 11.04 8.94 -31.43
CA LEU A 270 10.76 10.04 -30.51
C LEU A 270 11.15 11.39 -31.09
N LYS A 271 10.23 12.35 -31.02
CA LYS A 271 10.48 13.67 -31.56
C LYS A 271 10.89 14.68 -30.49
N TYR A 272 12.15 15.11 -30.54
CA TYR A 272 12.67 16.09 -29.59
C TYR A 272 12.57 17.49 -30.21
N ASN A 273 11.92 18.41 -29.49
CA ASN A 273 11.75 19.76 -30.00
C ASN A 273 12.99 20.60 -29.74
N GLU A 274 12.89 21.90 -30.00
CA GLU A 274 14.02 22.81 -29.87
C GLU A 274 14.61 22.84 -28.45
N ASN A 275 13.77 22.69 -27.43
CA ASN A 275 14.19 22.76 -26.03
C ASN A 275 14.54 21.37 -25.45
N GLY A 276 14.57 20.34 -26.32
CA GLY A 276 14.96 18.98 -25.93
C GLY A 276 13.85 18.21 -25.20
N THR A 277 12.61 18.60 -25.43
CA THR A 277 11.47 17.93 -24.83
C THR A 277 10.80 17.04 -25.85
N ILE A 278 10.41 15.84 -25.44
CA ILE A 278 9.73 14.96 -26.37
C ILE A 278 8.29 15.43 -26.51
N THR A 279 7.88 15.73 -27.74
CA THR A 279 6.54 16.28 -27.96
C THR A 279 5.63 15.33 -28.73
N ASP A 280 6.22 14.27 -29.27
CA ASP A 280 5.44 13.30 -30.02
C ASP A 280 6.16 11.96 -30.07
N ALA A 281 5.49 10.95 -30.61
CA ALA A 281 6.12 9.64 -30.79
C ALA A 281 5.33 8.77 -31.77
N VAL A 282 6.04 7.88 -32.44
CA VAL A 282 5.41 6.90 -33.32
C VAL A 282 5.72 5.48 -32.90
N ASP A 283 4.69 4.67 -32.70
CA ASP A 283 4.86 3.26 -32.39
C ASP A 283 4.99 2.48 -33.70
N CYS A 284 6.19 2.03 -34.02
CA CYS A 284 6.56 1.48 -35.32
C CYS A 284 5.91 0.13 -35.56
N ALA A 285 5.30 -0.45 -34.52
CA ALA A 285 4.68 -1.76 -34.64
C ALA A 285 3.16 -1.67 -34.63
N LEU A 286 2.64 -0.45 -34.63
CA LEU A 286 1.21 -0.23 -34.55
C LEU A 286 0.47 -0.61 -35.84
N ASP A 287 1.05 -0.27 -36.98
CA ASP A 287 0.42 -0.48 -38.27
C ASP A 287 1.37 -0.11 -39.41
N PRO A 288 1.09 -0.53 -40.66
CA PRO A 288 1.81 -0.20 -41.88
C PRO A 288 2.05 1.29 -42.07
N LEU A 289 1.11 2.14 -41.63
CA LEU A 289 1.30 3.57 -41.76
C LEU A 289 2.44 4.05 -40.86
N SER A 290 2.46 3.56 -39.62
CA SER A 290 3.50 3.92 -38.68
C SER A 290 4.85 3.36 -39.13
N GLU A 291 4.82 2.17 -39.73
CA GLU A 291 6.05 1.56 -40.24
C GLU A 291 6.67 2.46 -41.31
N THR A 292 5.81 3.01 -42.18
CA THR A 292 6.27 3.92 -43.21
C THR A 292 6.89 5.18 -42.61
N LYS A 293 6.21 5.74 -41.60
CA LYS A 293 6.72 6.94 -40.94
C LYS A 293 8.08 6.71 -40.27
N CYS A 294 8.25 5.54 -39.63
CA CYS A 294 9.50 5.17 -38.95
C CYS A 294 10.63 4.93 -39.97
N THR A 295 10.28 4.34 -41.10
CA THR A 295 11.25 4.07 -42.16
C THR A 295 11.77 5.35 -42.79
N LEU A 296 10.87 6.29 -43.04
CA LEU A 296 11.21 7.55 -43.70
C LEU A 296 11.58 8.63 -42.71
N LYS A 297 11.55 8.30 -41.42
CA LYS A 297 11.83 9.26 -40.35
C LYS A 297 10.97 10.52 -40.49
N SER A 298 9.66 10.34 -40.64
CA SER A 298 8.69 11.42 -40.77
C SER A 298 7.80 11.49 -39.53
N GLU B 1 -17.93 -16.06 -11.90
CA GLU B 1 -17.80 -15.04 -12.94
C GLU B 1 -16.67 -15.34 -13.92
N VAL B 2 -15.61 -16.02 -13.44
CA VAL B 2 -14.47 -16.40 -14.27
C VAL B 2 -14.72 -17.72 -14.99
N GLN B 3 -14.59 -17.69 -16.31
CA GLN B 3 -14.87 -18.88 -17.12
C GLN B 3 -13.75 -19.18 -18.11
N LEU B 4 -13.53 -20.46 -18.33
CA LEU B 4 -12.65 -20.96 -19.39
C LEU B 4 -13.36 -22.12 -20.09
N VAL B 5 -13.63 -21.96 -21.38
CA VAL B 5 -14.40 -22.98 -22.09
C VAL B 5 -13.66 -23.54 -23.30
N GLU B 6 -13.33 -24.82 -23.22
CA GLU B 6 -12.66 -25.52 -24.31
C GLU B 6 -13.64 -26.00 -25.37
N SER B 7 -13.18 -26.02 -26.61
CA SER B 7 -13.95 -26.56 -27.72
C SER B 7 -13.04 -27.06 -28.83
N GLY B 8 -13.60 -27.80 -29.78
CA GLY B 8 -12.82 -28.27 -30.93
C GLY B 8 -12.37 -29.73 -30.77
N GLY B 9 -12.92 -30.43 -29.78
CA GLY B 9 -12.59 -31.82 -29.57
C GLY B 9 -13.29 -32.70 -30.59
N GLY B 10 -13.15 -34.02 -30.46
CA GLY B 10 -13.74 -34.93 -31.44
C GLY B 10 -12.83 -36.11 -31.73
N VAL B 11 -13.11 -36.81 -32.82
CA VAL B 11 -12.37 -38.01 -33.19
C VAL B 11 -11.61 -37.81 -34.49
N VAL B 12 -10.32 -38.10 -34.46
CA VAL B 12 -9.46 -37.96 -35.64
C VAL B 12 -8.69 -39.24 -35.92
N GLN B 13 -8.12 -39.35 -37.11
CA GLN B 13 -7.30 -40.51 -37.47
C GLN B 13 -5.83 -40.23 -37.16
N PRO B 14 -5.03 -41.26 -36.90
CA PRO B 14 -3.60 -41.22 -36.72
C PRO B 14 -2.92 -40.52 -37.88
N GLY B 15 -2.01 -39.61 -37.57
CA GLY B 15 -1.29 -38.85 -38.57
C GLY B 15 -2.02 -37.58 -38.96
N GLY B 16 -3.25 -37.42 -38.45
CA GLY B 16 -4.08 -36.26 -38.76
C GLY B 16 -3.77 -35.10 -37.83
N SER B 17 -4.66 -34.10 -37.83
CA SER B 17 -4.45 -32.91 -37.03
C SER B 17 -5.75 -32.39 -36.46
N LEU B 18 -5.65 -31.60 -35.39
CA LEU B 18 -6.82 -31.03 -34.75
C LEU B 18 -6.49 -29.70 -34.07
N ARG B 19 -7.33 -28.70 -34.28
CA ARG B 19 -7.12 -27.39 -33.67
C ARG B 19 -8.10 -27.15 -32.53
N LEU B 20 -7.56 -27.02 -31.31
CA LEU B 20 -8.39 -26.78 -30.15
C LEU B 20 -8.38 -25.31 -29.79
N SER B 21 -9.43 -24.86 -29.13
CA SER B 21 -9.49 -23.48 -28.66
C SER B 21 -10.12 -23.39 -27.27
N CYS B 22 -9.81 -22.31 -26.57
CA CYS B 22 -10.36 -22.01 -25.24
C CYS B 22 -10.77 -20.54 -25.16
N ALA B 23 -12.05 -20.32 -24.86
CA ALA B 23 -12.59 -18.96 -24.73
C ALA B 23 -12.49 -18.50 -23.28
N ALA B 24 -11.87 -17.36 -23.07
CA ALA B 24 -11.69 -16.84 -21.72
C ALA B 24 -12.57 -15.62 -21.48
N SER B 25 -13.11 -15.51 -20.27
CA SER B 25 -13.87 -14.33 -19.88
C SER B 25 -13.89 -14.17 -18.35
N GLY B 26 -14.20 -12.97 -17.89
CA GLY B 26 -14.36 -12.70 -16.46
C GLY B 26 -13.07 -12.22 -15.81
N PHE B 27 -11.98 -12.18 -16.56
CA PHE B 27 -10.70 -11.76 -16.01
C PHE B 27 -9.82 -11.13 -17.08
N THR B 28 -8.74 -10.49 -16.65
CA THR B 28 -7.83 -9.79 -17.56
C THR B 28 -6.94 -10.78 -18.30
N PHE B 29 -7.52 -11.49 -19.25
CA PHE B 29 -6.84 -12.54 -20.01
C PHE B 29 -5.50 -12.08 -20.56
N ASN B 30 -5.45 -10.87 -21.09
CA ASN B 30 -4.24 -10.39 -21.78
C ASN B 30 -3.11 -10.02 -20.82
N SER B 31 -3.34 -10.21 -19.53
CA SER B 31 -2.32 -9.92 -18.52
C SER B 31 -1.63 -11.18 -18.03
N TYR B 32 -2.21 -12.34 -18.33
CA TYR B 32 -1.71 -13.61 -17.81
C TYR B 32 -1.20 -14.52 -18.90
N GLY B 33 -0.22 -15.35 -18.56
CA GLY B 33 0.19 -16.45 -19.44
C GLY B 33 -0.82 -17.58 -19.29
N MET B 34 -0.74 -18.56 -20.18
CA MET B 34 -1.70 -19.67 -20.13
C MET B 34 -1.04 -21.01 -20.37
N HIS B 35 -1.62 -22.05 -19.76
CA HIS B 35 -1.11 -23.41 -19.89
C HIS B 35 -2.12 -24.36 -20.51
N TRP B 36 -1.61 -25.38 -21.19
CA TRP B 36 -2.43 -26.53 -21.56
C TRP B 36 -1.99 -27.75 -20.77
N VAL B 37 -2.96 -28.47 -20.24
CA VAL B 37 -2.74 -29.68 -19.45
C VAL B 37 -3.67 -30.78 -19.96
N ARG B 38 -3.17 -32.01 -20.09
CA ARG B 38 -4.01 -33.09 -20.57
C ARG B 38 -4.04 -34.26 -19.60
N GLN B 39 -5.15 -34.98 -19.60
CA GLN B 39 -5.27 -36.16 -18.76
C GLN B 39 -5.95 -37.31 -19.48
N ALA B 40 -5.19 -38.38 -19.75
CA ALA B 40 -5.75 -39.56 -20.38
C ALA B 40 -6.59 -40.31 -19.35
N PRO B 41 -7.67 -40.98 -19.76
CA PRO B 41 -8.51 -41.82 -18.92
C PRO B 41 -7.66 -42.83 -18.15
N GLY B 42 -7.84 -42.86 -16.83
CA GLY B 42 -7.12 -43.81 -15.98
C GLY B 42 -5.71 -43.33 -15.63
N LYS B 43 -5.32 -42.16 -16.12
CA LYS B 43 -3.97 -41.64 -15.89
C LYS B 43 -3.98 -40.35 -15.08
N GLY B 44 -2.80 -39.92 -14.68
CA GLY B 44 -2.64 -38.68 -13.92
C GLY B 44 -2.53 -37.48 -14.86
N LEU B 45 -2.18 -36.33 -14.30
CA LEU B 45 -2.10 -35.10 -15.08
C LEU B 45 -0.77 -34.98 -15.79
N GLU B 46 -0.78 -34.45 -17.00
CA GLU B 46 0.45 -34.19 -17.74
C GLU B 46 0.44 -32.79 -18.35
N TRP B 47 1.51 -32.05 -18.10
CA TRP B 47 1.65 -30.69 -18.63
C TRP B 47 2.03 -30.73 -20.11
N VAL B 48 1.42 -29.86 -20.90
CA VAL B 48 1.66 -29.88 -22.34
C VAL B 48 2.44 -28.67 -22.84
N ALA B 49 1.94 -27.47 -22.59
CA ALA B 49 2.57 -26.27 -23.15
C ALA B 49 2.23 -25.00 -22.37
N PHE B 50 3.09 -23.99 -22.50
CA PHE B 50 2.90 -22.69 -21.86
C PHE B 50 3.23 -21.53 -22.79
N ILE B 51 2.40 -20.50 -22.76
CA ILE B 51 2.63 -19.30 -23.56
C ILE B 51 2.56 -18.05 -22.69
N ARG B 52 3.47 -17.11 -22.92
CA ARG B 52 3.49 -15.88 -22.13
C ARG B 52 2.39 -14.91 -22.53
N TYR B 53 2.12 -13.96 -21.64
CA TYR B 53 1.02 -13.01 -21.81
C TYR B 53 1.02 -12.26 -23.14
N ASP B 54 2.19 -11.97 -23.68
CA ASP B 54 2.28 -11.19 -24.91
C ASP B 54 2.25 -12.06 -26.16
N GLY B 55 2.14 -13.36 -25.97
CA GLY B 55 2.11 -14.30 -27.08
C GLY B 55 3.48 -14.52 -27.69
N GLY B 56 4.52 -14.11 -26.98
CA GLY B 56 5.89 -14.21 -27.47
C GLY B 56 6.50 -15.58 -27.19
N ASN B 57 7.19 -15.69 -26.06
CA ASN B 57 7.88 -16.93 -25.72
C ASN B 57 6.92 -18.09 -25.55
N LYS B 58 7.32 -19.25 -26.06
CA LYS B 58 6.50 -20.46 -25.99
C LYS B 58 7.33 -21.64 -25.50
N TYR B 59 6.72 -22.48 -24.68
CA TYR B 59 7.40 -23.65 -24.14
C TYR B 59 6.56 -24.91 -24.33
N TYR B 60 7.23 -26.04 -24.58
CA TYR B 60 6.53 -27.29 -24.81
C TYR B 60 7.13 -28.43 -24.01
N ALA B 61 6.30 -29.41 -23.66
CA ALA B 61 6.78 -30.66 -23.08
C ALA B 61 7.51 -31.48 -24.14
N ASP B 62 8.50 -32.25 -23.71
CA ASP B 62 9.30 -33.03 -24.64
C ASP B 62 8.47 -34.00 -25.47
N SER B 63 7.38 -34.51 -24.89
CA SER B 63 6.55 -35.51 -25.56
C SER B 63 5.72 -34.93 -26.71
N VAL B 64 5.58 -33.61 -26.76
CA VAL B 64 4.79 -32.97 -27.82
C VAL B 64 5.64 -31.99 -28.63
N LYS B 65 6.84 -31.73 -28.17
CA LYS B 65 7.73 -30.79 -28.82
C LYS B 65 7.98 -31.21 -30.26
N GLY B 66 7.77 -30.28 -31.19
CA GLY B 66 7.99 -30.55 -32.61
C GLY B 66 6.70 -30.93 -33.32
N ARG B 67 5.65 -31.22 -32.56
CA ARG B 67 4.37 -31.60 -33.15
C ARG B 67 3.27 -30.60 -32.83
N PHE B 68 3.26 -30.11 -31.59
CA PHE B 68 2.22 -29.18 -31.16
C PHE B 68 2.70 -27.74 -31.24
N THR B 69 1.75 -26.84 -31.51
CA THR B 69 2.03 -25.40 -31.49
C THR B 69 1.03 -24.65 -30.61
N ILE B 70 1.53 -23.77 -29.75
CA ILE B 70 0.66 -22.99 -28.87
C ILE B 70 0.61 -21.55 -29.34
N SER B 71 -0.58 -20.96 -29.31
CA SER B 71 -0.75 -19.57 -29.74
C SER B 71 -1.94 -18.94 -29.05
N ARG B 72 -2.06 -17.62 -29.16
CA ARG B 72 -3.17 -16.90 -28.55
C ARG B 72 -3.51 -15.63 -29.30
N ASP B 73 -4.73 -15.15 -29.12
CA ASP B 73 -5.17 -13.89 -29.69
C ASP B 73 -5.83 -13.03 -28.61
N ASN B 74 -5.13 -12.00 -28.17
CA ASN B 74 -5.57 -11.22 -27.02
C ASN B 74 -6.70 -10.26 -27.35
N SER B 75 -7.04 -10.13 -28.63
CA SER B 75 -8.13 -9.23 -29.00
C SER B 75 -9.47 -9.97 -28.97
N LYS B 76 -9.41 -11.30 -28.85
CA LYS B 76 -10.60 -12.14 -28.82
C LYS B 76 -10.67 -12.93 -27.54
N ASN B 77 -9.67 -12.76 -26.68
CA ASN B 77 -9.53 -13.54 -25.46
C ASN B 77 -9.58 -15.04 -25.73
N THR B 78 -8.88 -15.49 -26.77
CA THR B 78 -8.90 -16.91 -27.12
C THR B 78 -7.51 -17.53 -27.13
N LEU B 79 -7.40 -18.69 -26.49
CA LEU B 79 -6.18 -19.49 -26.48
C LEU B 79 -6.32 -20.66 -27.44
N TYR B 80 -5.26 -20.94 -28.21
CA TYR B 80 -5.31 -22.03 -29.18
C TYR B 80 -4.22 -23.08 -28.96
N LEU B 81 -4.54 -24.31 -29.36
CA LEU B 81 -3.54 -25.38 -29.43
C LEU B 81 -3.68 -26.13 -30.75
N GLN B 82 -2.65 -26.08 -31.57
CA GLN B 82 -2.68 -26.74 -32.87
C GLN B 82 -1.86 -28.01 -32.83
N MET B 83 -2.51 -29.15 -33.00
CA MET B 83 -1.82 -30.42 -32.89
C MET B 83 -1.71 -31.10 -34.25
N LYS B 84 -0.49 -31.44 -34.65
CA LYS B 84 -0.26 -32.17 -35.89
C LYS B 84 0.36 -33.53 -35.61
N SER B 85 0.25 -34.42 -36.59
CA SER B 85 0.81 -35.77 -36.47
C SER B 85 0.36 -36.44 -35.17
N LEU B 86 -0.95 -36.42 -34.93
CA LEU B 86 -1.53 -37.03 -33.73
C LEU B 86 -1.40 -38.55 -33.73
N ARG B 87 -1.14 -39.10 -32.55
CA ARG B 87 -0.94 -40.53 -32.38
C ARG B 87 -1.95 -41.09 -31.38
N ALA B 88 -2.06 -42.42 -31.32
CA ALA B 88 -3.00 -43.07 -30.40
C ALA B 88 -2.72 -42.66 -28.96
N GLU B 89 -1.44 -42.45 -28.64
CA GLU B 89 -1.01 -42.10 -27.29
C GLU B 89 -1.49 -40.72 -26.87
N ASP B 90 -1.98 -39.92 -27.81
CA ASP B 90 -2.39 -38.56 -27.52
C ASP B 90 -3.86 -38.47 -27.11
N THR B 91 -4.53 -39.61 -27.00
CA THR B 91 -5.92 -39.59 -26.55
C THR B 91 -5.99 -39.13 -25.11
N ALA B 92 -6.71 -38.04 -24.88
CA ALA B 92 -6.79 -37.44 -23.56
C ALA B 92 -7.82 -36.34 -23.50
N VAL B 93 -8.19 -35.93 -22.29
CA VAL B 93 -8.98 -34.73 -22.11
C VAL B 93 -8.08 -33.52 -21.92
N TYR B 94 -8.25 -32.53 -22.78
CA TYR B 94 -7.41 -31.35 -22.77
C TYR B 94 -8.07 -30.19 -22.02
N TYR B 95 -7.31 -29.60 -21.10
CA TYR B 95 -7.76 -28.46 -20.33
C TYR B 95 -6.93 -27.23 -20.65
N CYS B 96 -7.57 -26.06 -20.64
CA CYS B 96 -6.87 -24.78 -20.59
C CYS B 96 -6.90 -24.30 -19.15
N ALA B 97 -5.81 -23.70 -18.69
CA ALA B 97 -5.75 -23.30 -17.30
C ALA B 97 -4.79 -22.14 -17.07
N ASN B 98 -5.06 -21.41 -15.99
CA ASN B 98 -4.17 -20.38 -15.50
C ASN B 98 -3.62 -20.83 -14.16
N LEU B 99 -2.43 -21.44 -14.17
CA LEU B 99 -1.92 -22.07 -12.96
C LEU B 99 -1.23 -21.07 -12.06
N LYS B 100 -1.40 -21.22 -10.75
CA LYS B 100 -0.74 -20.33 -9.80
C LYS B 100 0.76 -20.57 -9.83
N ASP B 101 1.50 -19.49 -10.06
CA ASP B 101 2.93 -19.57 -10.37
C ASP B 101 3.67 -18.29 -10.03
N SER B 102 4.51 -18.35 -9.00
CA SER B 102 5.19 -17.17 -8.48
C SER B 102 6.57 -16.95 -9.11
N ARG B 103 6.90 -17.72 -10.14
CA ARG B 103 8.20 -17.56 -10.79
C ARG B 103 8.12 -17.15 -12.24
N TYR B 104 7.22 -17.75 -13.01
CA TYR B 104 7.16 -17.48 -14.43
C TYR B 104 5.96 -16.66 -14.86
N SER B 105 4.79 -16.95 -14.32
CA SER B 105 3.59 -16.25 -14.75
C SER B 105 3.25 -15.04 -13.89
N GLY B 106 3.55 -15.13 -12.59
CA GLY B 106 3.19 -14.06 -11.67
C GLY B 106 1.70 -14.09 -11.37
N SER B 107 1.13 -15.29 -11.39
CA SER B 107 -0.30 -15.46 -11.17
C SER B 107 -0.61 -15.74 -9.72
N TYR B 108 -1.57 -15.00 -9.17
CA TYR B 108 -1.97 -15.17 -7.78
C TYR B 108 -3.26 -15.97 -7.66
N TYR B 109 -3.85 -16.31 -8.80
CA TYR B 109 -5.12 -17.01 -8.84
C TYR B 109 -5.01 -18.25 -9.71
N ASP B 110 -5.79 -19.29 -9.38
CA ASP B 110 -5.72 -20.55 -10.13
C ASP B 110 -7.07 -20.85 -10.79
N TYR B 111 -7.08 -20.88 -12.12
CA TYR B 111 -8.32 -21.11 -12.87
C TYR B 111 -8.21 -22.32 -13.79
N TRP B 112 -9.29 -23.09 -13.90
CA TRP B 112 -9.34 -24.24 -14.80
C TRP B 112 -10.59 -24.23 -15.67
N GLY B 113 -10.48 -24.80 -16.86
CA GLY B 113 -11.63 -24.96 -17.74
C GLY B 113 -12.37 -26.26 -17.47
N GLN B 114 -13.15 -26.70 -18.46
CA GLN B 114 -14.02 -27.85 -18.30
C GLN B 114 -13.36 -29.13 -18.82
N GLY B 115 -12.63 -29.01 -19.90
CA GLY B 115 -11.93 -30.13 -20.51
C GLY B 115 -12.65 -30.65 -21.76
N THR B 116 -11.91 -30.81 -22.85
CA THR B 116 -12.47 -31.33 -24.09
C THR B 116 -11.75 -32.61 -24.52
N LEU B 117 -12.52 -33.64 -24.88
CA LEU B 117 -11.92 -34.93 -25.20
C LEU B 117 -11.48 -35.05 -26.65
N VAL B 118 -10.22 -35.45 -26.82
CA VAL B 118 -9.65 -35.72 -28.13
C VAL B 118 -9.30 -37.19 -28.25
N THR B 119 -9.87 -37.85 -29.26
CA THR B 119 -9.62 -39.26 -29.47
C THR B 119 -8.97 -39.53 -30.81
N VAL B 120 -7.91 -40.33 -30.79
CA VAL B 120 -7.23 -40.70 -32.03
C VAL B 120 -7.48 -42.18 -32.32
N SER B 121 -8.10 -42.47 -33.48
CA SER B 121 -8.52 -43.82 -33.85
C SER B 121 -8.49 -44.02 -35.35
N ILE C 2 13.05 -32.26 -14.48
CA ILE C 2 12.81 -32.59 -13.08
C ILE C 2 11.75 -33.69 -12.98
N TRP C 3 12.14 -34.83 -12.39
CA TRP C 3 11.22 -35.96 -12.19
C TRP C 3 10.53 -35.85 -10.85
N MET C 4 9.25 -36.19 -10.82
CA MET C 4 8.47 -36.14 -9.59
C MET C 4 7.94 -37.53 -9.24
N THR C 5 7.87 -37.82 -7.94
CA THR C 5 7.30 -39.08 -7.48
C THR C 5 6.52 -38.88 -6.19
N GLN C 6 5.55 -39.75 -5.94
CA GLN C 6 4.75 -39.68 -4.73
C GLN C 6 4.60 -41.04 -4.07
N SER C 7 4.44 -41.03 -2.76
CA SER C 7 4.29 -42.28 -1.99
C SER C 7 3.42 -42.07 -0.76
N PRO C 8 2.54 -43.03 -0.47
CA PRO C 8 2.26 -44.26 -1.18
C PRO C 8 1.44 -43.96 -2.43
N SER C 9 1.38 -44.92 -3.36
CA SER C 9 0.56 -44.74 -4.55
C SER C 9 -0.91 -44.66 -4.19
N SER C 10 -1.28 -45.34 -3.10
CA SER C 10 -2.65 -45.30 -2.59
C SER C 10 -2.68 -45.63 -1.11
N LEU C 11 -3.69 -45.11 -0.42
CA LEU C 11 -3.91 -45.40 0.99
C LEU C 11 -5.38 -45.32 1.30
N SER C 12 -5.79 -45.92 2.42
CA SER C 12 -7.17 -45.80 2.87
C SER C 12 -7.20 -45.47 4.35
N ALA C 13 -8.17 -44.65 4.76
CA ALA C 13 -8.32 -44.28 6.16
C ALA C 13 -9.75 -43.89 6.47
N SER C 14 -10.13 -44.02 7.73
CA SER C 14 -11.50 -43.69 8.16
C SER C 14 -11.60 -42.23 8.60
N VAL C 15 -12.81 -41.79 8.89
CA VAL C 15 -13.04 -40.42 9.29
C VAL C 15 -12.40 -40.15 10.64
N GLY C 16 -11.62 -39.08 10.72
CA GLY C 16 -10.92 -38.71 11.95
C GLY C 16 -9.46 -39.12 11.92
N ASP C 17 -9.08 -39.99 10.99
CA ASP C 17 -7.71 -40.44 10.86
C ASP C 17 -6.81 -39.35 10.31
N ARG C 18 -5.53 -39.41 10.66
CA ARG C 18 -4.53 -38.49 10.12
C ARG C 18 -3.87 -39.09 8.89
N VAL C 19 -3.90 -38.36 7.79
CA VAL C 19 -3.37 -38.84 6.52
C VAL C 19 -2.18 -38.01 6.03
N THR C 20 -1.07 -38.68 5.76
CA THR C 20 0.10 -38.00 5.23
C THR C 20 0.49 -38.54 3.85
N ILE C 21 0.86 -37.63 2.96
CA ILE C 21 1.31 -37.97 1.61
C ILE C 21 2.68 -37.39 1.34
N THR C 22 3.59 -38.23 0.85
CA THR C 22 4.96 -37.80 0.57
C THR C 22 5.17 -37.51 -0.92
N CYS C 23 5.82 -36.38 -1.22
CA CYS C 23 6.22 -36.01 -2.58
C CYS C 23 7.71 -35.72 -2.62
N GLN C 24 8.37 -36.25 -3.64
CA GLN C 24 9.80 -36.06 -3.79
C GLN C 24 10.17 -35.59 -5.19
N ALA C 25 11.29 -34.87 -5.27
CA ALA C 25 11.79 -34.38 -6.56
C ALA C 25 13.22 -34.85 -6.79
N SER C 26 13.56 -35.11 -8.04
CA SER C 26 14.91 -35.50 -8.41
C SER C 26 15.90 -34.34 -8.32
N GLN C 27 15.37 -33.13 -8.27
CA GLN C 27 16.19 -31.93 -8.17
C GLN C 27 15.69 -31.02 -7.06
N ASP C 28 16.58 -30.21 -6.53
CA ASP C 28 16.21 -29.24 -5.50
C ASP C 28 15.37 -28.12 -6.09
N ILE C 29 14.11 -28.04 -5.64
CA ILE C 29 13.18 -27.05 -6.15
C ILE C 29 12.75 -26.10 -5.04
N ARG C 30 13.61 -25.97 -4.02
CA ARG C 30 13.39 -25.06 -2.92
C ARG C 30 11.97 -25.16 -2.37
N PHE C 31 11.19 -24.10 -2.52
CA PHE C 31 9.83 -24.08 -1.97
C PHE C 31 8.80 -23.75 -3.04
N TYR C 32 9.06 -24.19 -4.27
CA TYR C 32 8.17 -23.89 -5.38
C TYR C 32 7.38 -25.12 -5.82
N LEU C 33 6.44 -25.53 -4.97
CA LEU C 33 5.62 -26.71 -5.23
C LEU C 33 4.15 -26.48 -4.89
N ASN C 34 3.26 -26.92 -5.77
CA ASN C 34 1.82 -26.84 -5.57
C ASN C 34 1.23 -28.19 -5.19
N TRP C 35 0.16 -28.17 -4.38
CA TRP C 35 -0.63 -29.36 -4.11
C TRP C 35 -2.05 -29.20 -4.63
N TYR C 36 -2.51 -30.19 -5.40
CA TYR C 36 -3.85 -30.18 -5.98
C TYR C 36 -4.70 -31.34 -5.50
N GLN C 37 -6.01 -31.13 -5.45
CA GLN C 37 -6.97 -32.16 -5.12
C GLN C 37 -7.95 -32.38 -6.26
N GLN C 38 -7.97 -33.60 -6.81
CA GLN C 38 -8.88 -33.89 -7.92
C GLN C 38 -9.90 -34.96 -7.57
N LYS C 39 -11.17 -34.64 -7.80
CA LYS C 39 -12.23 -35.62 -7.65
C LYS C 39 -12.64 -36.06 -9.07
N PRO C 40 -13.08 -37.30 -9.24
CA PRO C 40 -13.47 -37.87 -10.52
C PRO C 40 -14.46 -36.98 -11.26
N GLY C 41 -14.17 -36.70 -12.53
CA GLY C 41 -15.05 -35.92 -13.38
C GLY C 41 -14.84 -34.42 -13.27
N LYS C 42 -13.94 -33.99 -12.39
CA LYS C 42 -13.71 -32.57 -12.18
C LYS C 42 -12.27 -32.15 -12.45
N ALA C 43 -12.08 -30.87 -12.74
CA ALA C 43 -10.73 -30.32 -12.84
C ALA C 43 -10.11 -30.27 -11.44
N PRO C 44 -8.79 -30.39 -11.32
CA PRO C 44 -8.01 -30.25 -10.10
C PRO C 44 -8.22 -28.90 -9.42
N LYS C 45 -8.27 -28.91 -8.09
CA LYS C 45 -8.37 -27.70 -7.30
C LYS C 45 -7.08 -27.47 -6.51
N LEU C 46 -6.59 -26.24 -6.51
CA LEU C 46 -5.39 -25.92 -5.76
C LEU C 46 -5.68 -25.73 -4.28
N LEU C 47 -4.92 -26.42 -3.42
CA LEU C 47 -5.08 -26.27 -1.98
C LEU C 47 -3.90 -25.53 -1.36
N ILE C 48 -2.69 -25.87 -1.79
CA ILE C 48 -1.48 -25.28 -1.22
C ILE C 48 -0.50 -24.84 -2.30
N SER C 49 0.09 -23.66 -2.12
CA SER C 49 1.12 -23.18 -3.03
C SER C 49 2.38 -22.83 -2.25
N ASP C 50 3.48 -22.61 -2.98
CA ASP C 50 4.74 -22.23 -2.35
C ASP C 50 5.09 -23.16 -1.19
N ALA C 51 4.88 -24.46 -1.39
CA ALA C 51 5.18 -25.51 -0.40
C ALA C 51 4.20 -25.54 0.77
N SER C 52 4.02 -24.41 1.46
CA SER C 52 3.23 -24.41 2.68
C SER C 52 2.19 -23.29 2.80
N ASN C 53 2.00 -22.50 1.75
CA ASN C 53 1.03 -21.41 1.83
C ASN C 53 -0.38 -21.88 1.50
N MET C 54 -1.31 -21.70 2.44
CA MET C 54 -2.66 -22.17 2.25
C MET C 54 -3.46 -21.19 1.41
N GLU C 55 -4.29 -21.72 0.50
CA GLU C 55 -5.14 -20.88 -0.32
C GLU C 55 -6.37 -20.43 0.45
N THR C 56 -6.96 -19.33 0.01
CA THR C 56 -8.14 -18.80 0.66
C THR C 56 -9.33 -19.74 0.47
N GLY C 57 -10.02 -20.05 1.55
CA GLY C 57 -11.19 -20.91 1.50
C GLY C 57 -10.87 -22.36 1.83
N VAL C 58 -9.58 -22.69 1.95
CA VAL C 58 -9.19 -24.05 2.28
C VAL C 58 -9.29 -24.29 3.78
N PRO C 59 -10.02 -25.33 4.22
CA PRO C 59 -10.22 -25.73 5.60
C PRO C 59 -8.90 -25.87 6.35
N SER C 60 -8.93 -25.47 7.63
CA SER C 60 -7.73 -25.45 8.47
C SER C 60 -7.18 -26.84 8.76
N ARG C 61 -7.95 -27.87 8.45
CA ARG C 61 -7.49 -29.25 8.67
C ARG C 61 -6.41 -29.65 7.68
N PHE C 62 -6.27 -28.87 6.60
CA PHE C 62 -5.24 -29.12 5.61
C PHE C 62 -3.97 -28.36 5.94
N SER C 63 -2.83 -28.99 5.72
CA SER C 63 -1.56 -28.33 5.94
C SER C 63 -0.47 -28.97 5.09
N GLY C 64 0.70 -28.34 5.07
CA GLY C 64 1.83 -28.91 4.34
C GLY C 64 3.12 -28.17 4.68
N SER C 65 4.23 -28.82 4.40
CA SER C 65 5.55 -28.27 4.70
C SER C 65 6.63 -29.00 3.92
N GLY C 66 7.85 -28.49 4.01
CA GLY C 66 9.00 -29.16 3.39
C GLY C 66 9.69 -28.25 2.39
N SER C 67 10.87 -28.66 1.96
CA SER C 67 11.65 -27.90 1.00
C SER C 67 12.70 -28.76 0.31
N GLY C 68 13.24 -28.26 -0.78
CA GLY C 68 14.31 -28.94 -1.48
C GLY C 68 13.78 -30.10 -2.30
N THR C 69 14.02 -31.31 -1.82
CA THR C 69 13.60 -32.51 -2.54
C THR C 69 12.52 -33.30 -1.82
N ASP C 70 12.14 -32.88 -0.62
CA ASP C 70 11.19 -33.65 0.18
C ASP C 70 10.06 -32.79 0.77
N PHE C 71 8.83 -33.09 0.34
CA PHE C 71 7.66 -32.33 0.76
C PHE C 71 6.59 -33.24 1.36
N THR C 72 5.81 -32.72 2.31
CA THR C 72 4.74 -33.49 2.92
C THR C 72 3.41 -32.74 2.91
N PHE C 73 2.35 -33.48 2.56
CA PHE C 73 0.98 -32.98 2.62
C PHE C 73 0.23 -33.72 3.71
N THR C 74 -0.49 -32.99 4.56
CA THR C 74 -1.17 -33.62 5.69
C THR C 74 -2.63 -33.20 5.84
N ILE C 75 -3.48 -34.18 6.15
CA ILE C 75 -4.85 -33.92 6.59
C ILE C 75 -4.98 -34.35 8.04
N SER C 76 -5.16 -33.40 8.94
CA SER C 76 -5.13 -33.68 10.37
C SER C 76 -6.30 -34.56 10.83
N SER C 77 -7.43 -34.46 10.14
CA SER C 77 -8.61 -35.24 10.48
C SER C 77 -9.44 -35.50 9.24
N LEU C 78 -9.26 -36.66 8.63
CA LEU C 78 -9.88 -36.96 7.35
C LEU C 78 -11.40 -36.90 7.44
N GLN C 79 -12.01 -36.19 6.50
CA GLN C 79 -13.46 -36.08 6.40
C GLN C 79 -13.95 -36.97 5.27
N PRO C 80 -15.23 -37.34 5.25
CA PRO C 80 -15.88 -38.12 4.20
C PRO C 80 -15.86 -37.41 2.85
N GLU C 81 -15.64 -36.10 2.88
CA GLU C 81 -15.61 -35.30 1.66
C GLU C 81 -14.19 -35.15 1.10
N ASP C 82 -13.21 -35.75 1.79
CA ASP C 82 -11.80 -35.60 1.41
C ASP C 82 -11.29 -36.76 0.59
N ILE C 83 -12.21 -37.55 0.03
CA ILE C 83 -11.80 -38.71 -0.75
C ILE C 83 -11.51 -38.27 -2.19
N ALA C 84 -10.22 -38.19 -2.51
CA ALA C 84 -9.78 -37.61 -3.77
C ALA C 84 -8.35 -38.04 -4.09
N THR C 85 -7.92 -37.79 -5.32
CA THR C 85 -6.54 -38.02 -5.71
C THR C 85 -5.73 -36.74 -5.55
N TYR C 86 -4.63 -36.82 -4.81
CA TYR C 86 -3.81 -35.63 -4.56
C TYR C 86 -2.55 -35.65 -5.41
N TYR C 87 -2.25 -34.51 -6.02
CA TYR C 87 -1.06 -34.39 -6.87
C TYR C 87 -0.12 -33.31 -6.35
N CYS C 88 1.19 -33.52 -6.52
CA CYS C 88 2.18 -32.46 -6.31
C CYS C 88 2.73 -32.00 -7.66
N GLN C 89 3.02 -30.71 -7.76
CA GLN C 89 3.51 -30.13 -9.01
C GLN C 89 4.63 -29.13 -8.76
N GLN C 90 5.67 -29.19 -9.57
CA GLN C 90 6.78 -28.25 -9.42
C GLN C 90 6.70 -27.14 -10.45
N TYR C 91 7.06 -25.93 -10.05
CA TYR C 91 7.13 -24.80 -10.97
C TYR C 91 8.41 -24.01 -10.79
N ASP C 92 9.50 -24.72 -10.47
CA ASP C 92 10.80 -24.10 -10.32
C ASP C 92 11.40 -23.85 -11.70
N ASN C 93 11.29 -24.86 -12.57
CA ASN C 93 11.87 -24.77 -13.91
C ASN C 93 10.95 -25.36 -14.96
N LEU C 94 10.84 -24.68 -16.09
CA LEU C 94 10.11 -25.21 -17.24
C LEU C 94 10.95 -26.30 -17.91
N PRO C 95 10.30 -27.34 -18.43
CA PRO C 95 8.88 -27.64 -18.43
C PRO C 95 8.37 -28.04 -17.05
N PHE C 96 7.11 -27.76 -16.79
CA PHE C 96 6.49 -28.12 -15.52
C PHE C 96 6.04 -29.58 -15.54
N THR C 97 6.01 -30.21 -14.38
CA THR C 97 5.57 -31.59 -14.28
C THR C 97 4.63 -31.81 -13.10
N PHE C 98 3.81 -32.86 -13.19
CA PHE C 98 2.97 -33.29 -12.10
C PHE C 98 3.42 -34.68 -11.65
N GLY C 99 3.28 -34.97 -10.35
CA GLY C 99 3.60 -36.29 -9.85
C GLY C 99 2.51 -37.29 -10.23
N PRO C 100 2.75 -38.59 -10.02
CA PRO C 100 1.87 -39.72 -10.34
C PRO C 100 0.46 -39.57 -9.79
N GLY C 101 0.35 -38.99 -8.59
CA GLY C 101 -0.96 -38.83 -7.95
C GLY C 101 -1.19 -39.91 -6.90
N THR C 102 -1.59 -39.47 -5.70
CA THR C 102 -1.85 -40.39 -4.61
C THR C 102 -3.35 -40.53 -4.36
N LYS C 103 -3.85 -41.76 -4.42
CA LYS C 103 -5.27 -41.99 -4.22
C LYS C 103 -5.60 -42.26 -2.76
N VAL C 104 -6.47 -41.44 -2.19
CA VAL C 104 -6.92 -41.63 -0.82
C VAL C 104 -8.34 -42.18 -0.80
N ASP C 105 -8.51 -43.36 -0.22
CA ASP C 105 -9.82 -43.99 -0.15
C ASP C 105 -10.43 -43.77 1.23
N PHE C 106 -11.66 -44.28 1.43
CA PHE C 106 -12.38 -44.12 2.69
C PHE C 106 -11.88 -45.12 3.74
N LYS D 5 13.47 23.04 27.71
CA LYS D 5 14.09 23.76 28.81
C LYS D 5 14.41 25.20 28.41
N GLU D 6 13.65 26.15 28.99
CA GLU D 6 13.78 27.57 28.71
C GLU D 6 14.97 28.20 29.42
N SER D 7 15.69 29.08 28.73
CA SER D 7 16.78 29.82 29.34
C SER D 7 16.95 31.20 28.69
N GLY D 8 17.63 32.10 29.38
CA GLY D 8 17.88 33.44 28.86
C GLY D 8 17.81 34.46 30.00
N PRO D 9 17.83 35.75 29.66
CA PRO D 9 17.76 36.89 30.56
C PRO D 9 16.50 36.84 31.40
N THR D 10 16.60 37.29 32.65
CA THR D 10 15.47 37.25 33.57
C THR D 10 14.96 38.66 33.90
N LEU D 11 15.79 39.67 33.69
CA LEU D 11 15.41 41.04 34.01
C LEU D 11 15.78 42.00 32.89
N VAL D 12 14.77 42.70 32.37
CA VAL D 12 15.00 43.68 31.32
C VAL D 12 14.29 44.99 31.65
N LYS D 13 14.76 46.08 31.06
CA LYS D 13 14.10 47.37 31.22
C LYS D 13 12.93 47.49 30.25
N PRO D 14 12.01 48.43 30.49
CA PRO D 14 10.95 48.84 29.59
C PRO D 14 11.48 49.26 28.21
N THR D 15 10.72 48.92 27.18
CA THR D 15 11.04 49.22 25.79
C THR D 15 12.36 48.57 25.37
N GLN D 16 12.59 47.35 25.83
CA GLN D 16 13.77 46.58 25.45
C GLN D 16 13.38 45.31 24.72
N THR D 17 14.34 44.75 23.98
CA THR D 17 14.13 43.50 23.26
C THR D 17 14.70 42.32 24.04
N LEU D 18 13.87 41.31 24.25
CA LEU D 18 14.24 40.11 24.97
C LEU D 18 14.31 38.89 24.06
N THR D 19 15.37 38.10 24.21
CA THR D 19 15.47 36.85 23.49
C THR D 19 15.55 35.66 24.44
N LEU D 20 14.65 34.69 24.25
CA LEU D 20 14.63 33.47 25.05
C LEU D 20 14.87 32.25 24.18
N THR D 21 15.58 31.27 24.71
CA THR D 21 15.88 30.05 23.95
C THR D 21 15.33 28.80 24.64
N CYS D 22 14.68 27.93 23.86
CA CYS D 22 14.18 26.65 24.32
C CYS D 22 15.05 25.50 23.80
N LYS D 23 15.60 24.72 24.71
CA LYS D 23 16.39 23.55 24.33
C LYS D 23 15.53 22.30 24.36
N LEU D 24 15.48 21.58 23.25
CA LEU D 24 14.64 20.38 23.18
C LEU D 24 15.46 19.11 23.09
N SER D 25 14.87 18.01 23.54
CA SER D 25 15.52 16.71 23.48
C SER D 25 14.48 15.60 23.34
N GLY D 26 14.94 14.44 22.87
CA GLY D 26 14.06 13.28 22.67
C GLY D 26 13.59 13.22 21.23
N PHE D 27 13.79 14.32 20.51
CA PHE D 27 13.43 14.44 19.11
C PHE D 27 14.27 15.53 18.46
N SER D 28 14.36 15.52 17.14
CA SER D 28 15.04 16.60 16.45
C SER D 28 14.06 17.64 15.94
N VAL D 29 14.49 18.88 15.93
CA VAL D 29 13.67 19.99 15.47
C VAL D 29 13.45 19.92 13.96
N ASN D 30 14.24 19.08 13.29
CA ASN D 30 14.15 18.94 11.84
C ASN D 30 13.30 17.75 11.43
N THR D 31 12.69 17.07 12.40
CA THR D 31 11.88 15.90 12.10
C THR D 31 10.47 16.29 11.69
N GLY D 32 9.96 15.66 10.65
CA GLY D 32 8.62 15.97 10.16
C GLY D 32 7.57 15.68 11.22
N GLY D 33 6.57 16.56 11.30
CA GLY D 33 5.49 16.41 12.28
C GLY D 33 5.78 17.18 13.56
N VAL D 34 7.02 17.67 13.70
CA VAL D 34 7.43 18.43 14.88
C VAL D 34 7.10 19.91 14.78
N GLY D 35 6.64 20.47 15.90
CA GLY D 35 6.41 21.90 16.02
C GLY D 35 6.76 22.36 17.42
N VAL D 36 7.07 23.64 17.57
CA VAL D 36 7.34 24.22 18.89
C VAL D 36 6.61 25.54 19.06
N GLY D 37 5.91 25.70 20.18
CA GLY D 37 5.17 26.92 20.44
C GLY D 37 5.66 27.64 21.68
N TRP D 38 5.36 28.93 21.77
CA TRP D 38 5.68 29.74 22.93
C TRP D 38 4.43 30.35 23.55
N ILE D 39 4.33 30.22 24.87
CA ILE D 39 3.20 30.70 25.65
C ILE D 39 3.71 31.45 26.88
N ARG D 40 3.04 32.54 27.24
CA ARG D 40 3.42 33.28 28.44
C ARG D 40 2.31 33.25 29.47
N GLN D 41 2.68 33.36 30.75
CA GLN D 41 1.70 33.36 31.81
C GLN D 41 2.04 34.37 32.90
N PRO D 42 1.44 35.57 32.87
CA PRO D 42 1.58 36.61 33.86
C PRO D 42 1.16 36.05 35.21
N PRO D 43 1.72 36.57 36.32
CA PRO D 43 1.43 36.14 37.67
C PRO D 43 -0.07 36.15 37.97
N GLY D 44 -0.60 34.98 38.32
CA GLY D 44 -2.00 34.86 38.70
C GLY D 44 -2.96 34.84 37.50
N LYS D 45 -2.41 34.83 36.29
CA LYS D 45 -3.24 34.90 35.10
C LYS D 45 -3.21 33.60 34.29
N ALA D 46 -4.16 33.50 33.35
CA ALA D 46 -4.26 32.35 32.46
C ALA D 46 -3.21 32.39 31.36
N LEU D 47 -3.00 31.26 30.71
CA LEU D 47 -2.02 31.12 29.64
C LEU D 47 -2.37 31.98 28.43
N GLU D 48 -1.36 32.65 27.86
CA GLU D 48 -1.54 33.44 26.64
C GLU D 48 -0.63 32.94 25.52
N TRP D 49 -1.23 32.60 24.38
CA TRP D 49 -0.45 32.13 23.24
C TRP D 49 0.31 33.28 22.58
N LEU D 50 1.58 33.05 22.29
CA LEU D 50 2.38 34.05 21.59
C LEU D 50 2.54 33.69 20.12
N ALA D 51 3.20 32.56 19.86
CA ALA D 51 3.52 32.17 18.50
C ALA D 51 3.93 30.70 18.42
N LEU D 52 3.87 30.13 17.21
CA LEU D 52 4.38 28.78 17.00
C LEU D 52 5.13 28.64 15.68
N ILE D 53 6.12 27.75 15.67
CA ILE D 53 6.89 27.44 14.46
C ILE D 53 6.81 25.96 14.12
N TYR D 54 6.60 25.66 12.84
CA TYR D 54 6.52 24.28 12.38
C TYR D 54 7.83 23.81 11.77
N TRP D 55 8.01 22.49 11.73
CA TRP D 55 9.17 21.85 11.11
C TRP D 55 9.42 22.31 9.67
N ASN D 56 8.38 22.79 9.00
CA ASN D 56 8.46 23.22 7.61
C ASN D 56 8.68 24.72 7.50
N ASP D 57 9.05 25.34 8.61
CA ASP D 57 9.38 26.76 8.71
C ASP D 57 8.18 27.68 8.61
N ASP D 58 6.98 27.12 8.55
CA ASP D 58 5.78 27.95 8.59
C ASP D 58 5.54 28.43 10.01
N LYS D 59 4.89 29.58 10.16
CA LYS D 59 4.73 30.18 11.48
C LYS D 59 3.38 30.87 11.66
N LEU D 60 2.86 30.80 12.88
CA LEU D 60 1.63 31.52 13.24
C LEU D 60 1.88 32.38 14.48
N TYR D 61 1.24 33.54 14.51
CA TYR D 61 1.37 34.45 15.64
C TYR D 61 0.01 34.92 16.14
N SER D 62 -0.08 35.22 17.43
CA SER D 62 -1.27 35.84 17.99
C SER D 62 -1.36 37.30 17.50
N PRO D 63 -2.42 37.66 16.77
CA PRO D 63 -2.62 38.96 16.11
C PRO D 63 -2.34 40.17 17.00
N SER D 64 -2.68 40.08 18.28
CA SER D 64 -2.49 41.21 19.20
C SER D 64 -1.03 41.44 19.58
N LEU D 65 -0.18 40.42 19.39
CA LEU D 65 1.22 40.52 19.76
C LEU D 65 2.15 40.33 18.56
N LYS D 66 1.60 39.85 17.45
CA LYS D 66 2.39 39.51 16.27
C LYS D 66 3.40 40.59 15.89
N SER D 67 2.99 41.85 15.98
CA SER D 67 3.83 42.95 15.54
C SER D 67 5.13 43.08 16.34
N ARG D 68 5.18 42.45 17.50
CA ARG D 68 6.36 42.54 18.36
C ARG D 68 6.99 41.17 18.61
N LEU D 69 6.58 40.16 17.84
CA LEU D 69 7.10 38.80 18.05
C LEU D 69 7.79 38.24 16.81
N THR D 70 8.95 37.63 17.02
CA THR D 70 9.67 36.90 15.97
C THR D 70 10.09 35.52 16.46
N VAL D 71 9.84 34.49 15.66
CA VAL D 71 10.26 33.13 16.02
C VAL D 71 11.13 32.49 14.94
N THR D 72 12.29 31.98 15.35
CA THR D 72 13.20 31.27 14.46
C THR D 72 13.67 29.99 15.12
N LYS D 73 14.29 29.10 14.36
CA LYS D 73 14.83 27.86 14.94
C LYS D 73 16.23 27.56 14.44
N ASP D 74 17.04 26.99 15.34
CA ASP D 74 18.38 26.55 15.03
C ASP D 74 18.38 25.07 14.68
N THR D 75 18.67 24.77 13.42
CA THR D 75 18.55 23.41 12.90
C THR D 75 19.77 22.55 13.21
N SER D 76 20.80 23.16 13.79
CA SER D 76 22.02 22.43 14.12
C SER D 76 22.05 22.06 15.60
N LYS D 77 21.58 22.98 16.44
CA LYS D 77 21.63 22.80 17.89
C LYS D 77 20.35 22.20 18.45
N ASN D 78 19.33 22.05 17.61
CA ASN D 78 18.02 21.61 18.09
C ASN D 78 17.49 22.56 19.16
N GLN D 79 17.42 23.84 18.81
CA GLN D 79 16.95 24.88 19.72
C GLN D 79 15.98 25.82 19.01
N VAL D 80 15.03 26.36 19.75
CA VAL D 80 14.09 27.33 19.20
C VAL D 80 14.20 28.67 19.92
N VAL D 81 14.24 29.75 19.16
CA VAL D 81 14.47 31.06 19.74
C VAL D 81 13.29 32.03 19.54
N LEU D 82 12.84 32.60 20.65
CA LEU D 82 11.77 33.59 20.64
C LEU D 82 12.31 34.99 20.94
N THR D 83 11.96 35.95 20.10
CA THR D 83 12.32 37.34 20.34
C THR D 83 11.07 38.20 20.48
N MET D 84 11.03 38.99 21.55
CA MET D 84 9.92 39.91 21.77
C MET D 84 10.45 41.33 21.94
N THR D 85 9.89 42.28 21.19
CA THR D 85 10.40 43.64 21.18
C THR D 85 9.55 44.62 21.98
N ASN D 86 10.16 45.75 22.32
CA ASN D 86 9.46 46.86 22.97
C ASN D 86 8.58 46.40 24.13
N MET D 87 9.15 45.60 25.03
CA MET D 87 8.35 45.06 26.13
C MET D 87 7.93 46.12 27.14
N ASP D 88 6.68 46.03 27.58
CA ASP D 88 6.14 46.90 28.62
C ASP D 88 6.13 46.17 29.96
N PRO D 89 6.07 46.89 31.07
CA PRO D 89 5.93 46.36 32.42
C PRO D 89 4.82 45.32 32.53
N VAL D 90 3.77 45.48 31.72
CA VAL D 90 2.63 44.56 31.74
C VAL D 90 2.95 43.23 31.09
N ASP D 91 4.13 43.13 30.46
CA ASP D 91 4.54 41.90 29.78
C ASP D 91 5.31 40.98 30.73
N THR D 92 5.37 41.34 32.01
CA THR D 92 5.99 40.47 32.99
C THR D 92 5.22 39.17 33.09
N ALA D 93 5.92 38.06 32.88
CA ALA D 93 5.27 36.76 32.82
C ALA D 93 6.27 35.62 32.85
N THR D 94 5.77 34.41 33.13
CA THR D 94 6.59 33.22 32.96
C THR D 94 6.44 32.71 31.54
N TYR D 95 7.55 32.48 30.87
CA TYR D 95 7.54 32.01 29.49
C TYR D 95 7.78 30.52 29.42
N TYR D 96 6.95 29.85 28.61
CA TYR D 96 7.05 28.41 28.42
C TYR D 96 7.20 28.07 26.94
N CYS D 97 7.94 27.01 26.66
CA CYS D 97 7.97 26.40 25.33
C CYS D 97 7.36 25.00 25.40
N ALA D 98 6.74 24.58 24.31
CA ALA D 98 6.14 23.25 24.27
C ALA D 98 6.06 22.70 22.85
N HIS D 99 6.06 21.37 22.74
CA HIS D 99 5.88 20.70 21.46
C HIS D 99 4.46 20.87 20.96
N VAL D 100 4.32 21.13 19.66
CA VAL D 100 3.02 21.37 19.05
C VAL D 100 2.63 20.24 18.10
N LEU D 101 1.49 19.62 18.38
CA LEU D 101 0.93 18.60 17.50
C LEU D 101 0.19 19.30 16.36
N VAL D 102 0.34 18.78 15.15
CA VAL D 102 -0.27 19.41 13.98
C VAL D 102 -0.95 18.38 13.08
N TRP D 103 -2.04 18.78 12.44
CA TRP D 103 -2.73 17.97 11.45
C TRP D 103 -1.98 18.05 10.12
N PHE D 104 -2.08 17.01 9.30
CA PHE D 104 -1.29 16.97 8.08
C PHE D 104 -2.07 17.32 6.82
N GLY D 105 -3.35 16.95 6.78
CA GLY D 105 -4.17 17.26 5.60
C GLY D 105 -4.19 18.77 5.36
N GLU D 106 -4.93 19.47 6.20
CA GLU D 106 -4.84 20.91 6.30
C GLU D 106 -3.97 21.22 7.51
N VAL D 107 -3.04 22.15 7.36
CA VAL D 107 -2.09 22.39 8.44
C VAL D 107 -2.73 23.19 9.57
N LEU D 108 -3.50 22.48 10.38
CA LEU D 108 -4.14 23.07 11.55
C LEU D 108 -3.41 22.58 12.80
N PRO D 109 -3.30 23.43 13.82
CA PRO D 109 -2.73 23.14 15.12
C PRO D 109 -3.67 22.25 15.92
N ASP D 110 -3.11 21.51 16.87
CA ASP D 110 -3.91 20.64 17.73
C ASP D 110 -3.71 20.95 19.22
N ALA D 111 -2.65 20.42 19.81
CA ALA D 111 -2.45 20.55 21.25
C ALA D 111 -0.98 20.62 21.62
N PHE D 112 -0.71 21.17 22.80
CA PHE D 112 0.65 21.26 23.33
C PHE D 112 0.87 20.14 24.35
N ASP D 113 1.70 19.16 24.02
CA ASP D 113 1.83 17.99 24.88
C ASP D 113 3.09 18.01 25.76
N VAL D 114 4.25 18.19 25.15
CA VAL D 114 5.50 18.19 25.89
C VAL D 114 5.92 19.60 26.26
N TRP D 115 5.96 19.89 27.55
CA TRP D 115 6.25 21.24 28.05
C TRP D 115 7.61 21.32 28.73
N GLY D 116 8.17 22.54 28.74
CA GLY D 116 9.39 22.83 29.48
C GLY D 116 9.08 23.11 30.95
N GLN D 117 9.92 23.93 31.58
CA GLN D 117 9.77 24.19 33.02
C GLN D 117 9.22 25.58 33.29
N GLY D 118 9.54 26.53 32.41
CA GLY D 118 9.09 27.91 32.56
C GLY D 118 10.19 28.83 33.09
N THR D 119 10.38 29.96 32.43
CA THR D 119 11.38 30.94 32.85
C THR D 119 10.69 32.27 33.19
N MET D 120 10.99 32.81 34.36
CA MET D 120 10.32 34.03 34.80
C MET D 120 11.02 35.28 34.27
N VAL D 121 10.25 36.13 33.58
CA VAL D 121 10.76 37.36 33.02
C VAL D 121 10.13 38.60 33.64
N THR D 122 10.98 39.46 34.21
CA THR D 122 10.54 40.72 34.78
C THR D 122 11.01 41.88 33.90
N VAL D 123 10.09 42.77 33.52
CA VAL D 123 10.41 43.92 32.67
C VAL D 123 10.67 45.15 33.54
N SER E 1 -7.95 36.26 20.40
CA SER E 1 -7.91 34.88 20.84
C SER E 1 -9.33 34.29 20.86
N TYR E 2 -9.42 32.95 20.95
CA TYR E 2 -10.70 32.25 21.00
C TYR E 2 -11.29 32.28 22.41
N GLU E 3 -12.55 32.71 22.51
CA GLU E 3 -13.23 32.85 23.80
C GLU E 3 -13.53 31.49 24.44
N LEU E 4 -13.12 31.34 25.70
CA LEU E 4 -13.39 30.15 26.49
C LEU E 4 -13.75 30.54 27.92
N THR E 5 -14.88 30.03 28.41
CA THR E 5 -15.38 30.39 29.73
C THR E 5 -15.36 29.22 30.70
N GLN E 6 -14.80 29.45 31.88
CA GLN E 6 -14.76 28.43 32.93
C GLN E 6 -15.27 29.00 34.25
N PRO E 7 -15.90 28.16 35.09
CA PRO E 7 -16.19 28.42 36.50
C PRO E 7 -14.87 28.65 37.24
N PRO E 8 -14.87 29.52 38.24
CA PRO E 8 -13.71 29.89 39.04
C PRO E 8 -13.19 28.75 39.91
N SER E 9 -14.06 27.81 40.29
CA SER E 9 -13.63 26.71 41.14
C SER E 9 -14.61 25.55 41.19
N VAL E 10 -14.09 24.40 41.58
CA VAL E 10 -14.86 23.20 41.90
C VAL E 10 -14.39 22.63 43.24
N SER E 11 -15.34 22.29 44.11
CA SER E 11 -14.98 21.79 45.44
C SER E 11 -15.48 20.37 45.66
N VAL E 12 -14.54 19.45 45.89
CA VAL E 12 -14.87 18.05 46.13
C VAL E 12 -14.10 17.50 47.33
N SER E 13 -14.57 16.37 47.84
CA SER E 13 -13.82 15.62 48.83
C SER E 13 -13.01 14.55 48.11
N PRO E 14 -11.86 14.13 48.65
CA PRO E 14 -11.04 13.08 48.08
C PRO E 14 -11.85 11.80 47.96
N GLY E 15 -11.79 11.17 46.79
CA GLY E 15 -12.53 9.96 46.52
C GLY E 15 -13.80 10.25 45.71
N GLN E 16 -14.19 11.52 45.63
CA GLN E 16 -15.39 11.90 44.89
C GLN E 16 -15.06 12.20 43.43
N THR E 17 -16.10 12.28 42.60
CA THR E 17 -15.93 12.62 41.20
C THR E 17 -15.96 14.12 40.98
N ALA E 18 -14.92 14.65 40.34
CA ALA E 18 -14.86 16.07 40.03
C ALA E 18 -15.44 16.35 38.67
N SER E 19 -16.10 17.49 38.52
CA SER E 19 -16.65 17.91 37.23
C SER E 19 -16.25 19.33 36.89
N ILE E 20 -15.34 19.46 35.94
CA ILE E 20 -14.83 20.76 35.52
C ILE E 20 -15.23 21.05 34.08
N THR E 21 -15.96 22.14 33.87
CA THR E 21 -16.50 22.43 32.55
C THR E 21 -15.91 23.67 31.91
N CYS E 22 -16.07 23.77 30.58
CA CYS E 22 -15.65 24.92 29.77
C CYS E 22 -16.57 25.10 28.58
N SER E 23 -16.99 26.33 28.32
CA SER E 23 -17.91 26.58 27.22
C SER E 23 -17.38 27.63 26.25
N GLY E 24 -17.89 27.58 25.02
CA GLY E 24 -17.53 28.56 23.99
C GLY E 24 -18.61 28.61 22.92
N ASP E 25 -18.33 29.33 21.83
CA ASP E 25 -19.31 29.47 20.76
C ASP E 25 -19.14 28.41 19.67
N LYS E 26 -17.89 28.00 19.46
CA LYS E 26 -17.55 27.05 18.39
C LYS E 26 -16.88 25.82 18.97
N LEU E 27 -16.99 25.64 20.28
CA LEU E 27 -16.24 24.61 20.97
C LEU E 27 -16.61 23.21 20.48
N GLY E 28 -17.89 23.01 20.17
CA GLY E 28 -18.37 21.70 19.74
C GLY E 28 -18.06 21.43 18.26
N GLU E 29 -17.54 22.44 17.57
CA GLU E 29 -17.22 22.31 16.16
C GLU E 29 -15.75 21.99 15.95
N THR E 30 -15.00 21.95 17.05
CA THR E 30 -13.57 21.72 17.00
C THR E 30 -13.15 20.72 18.05
N TYR E 31 -11.86 20.61 18.28
CA TYR E 31 -11.35 19.70 19.29
C TYR E 31 -10.94 20.45 20.55
N ALA E 32 -11.39 19.95 21.69
CA ALA E 32 -11.04 20.55 22.98
C ALA E 32 -9.89 19.80 23.64
N SER E 33 -9.15 20.48 24.49
CA SER E 33 -8.12 19.84 25.29
C SER E 33 -8.06 20.44 26.69
N TRP E 34 -7.51 19.68 27.63
CA TRP E 34 -7.42 20.11 29.02
C TRP E 34 -6.02 19.99 29.60
N TYR E 35 -5.68 20.97 30.44
CA TYR E 35 -4.39 20.99 31.14
C TYR E 35 -4.54 21.05 32.65
N GLN E 36 -3.60 20.42 33.35
CA GLN E 36 -3.53 20.47 34.80
C GLN E 36 -2.30 21.25 35.26
N GLN E 37 -2.50 22.33 36.00
CA GLN E 37 -1.37 23.15 36.41
C GLN E 37 -1.33 23.43 37.92
N LYS E 38 -0.14 23.39 38.48
CA LYS E 38 0.09 23.80 39.86
C LYS E 38 1.02 25.01 39.88
N PRO E 39 0.93 25.89 40.87
CA PRO E 39 1.76 27.06 41.05
C PRO E 39 3.23 26.67 41.01
N GLY E 40 4.01 27.42 40.22
CA GLY E 40 5.44 27.20 40.10
C GLY E 40 5.78 26.07 39.11
N GLN E 41 4.75 25.52 38.46
CA GLN E 41 4.96 24.41 37.54
C GLN E 41 4.31 24.65 36.17
N SER E 42 4.83 23.98 35.14
CA SER E 42 4.21 24.01 33.82
C SER E 42 2.90 23.23 33.86
N PRO E 43 1.96 23.54 32.96
CA PRO E 43 0.72 22.81 32.74
C PRO E 43 0.99 21.46 32.09
N ILE E 44 0.23 20.45 32.50
CA ILE E 44 0.35 19.11 31.93
C ILE E 44 -0.89 18.76 31.12
N LEU E 45 -0.67 18.30 29.90
CA LEU E 45 -1.78 17.89 29.05
C LEU E 45 -2.35 16.58 29.60
N VAL E 46 -3.64 16.58 29.91
CA VAL E 46 -4.29 15.39 30.43
C VAL E 46 -5.28 14.81 29.44
N ILE E 47 -5.96 15.69 28.70
CA ILE E 47 -6.91 15.27 27.69
C ILE E 47 -6.73 16.06 26.39
N TYR E 48 -6.71 15.36 25.26
CA TYR E 48 -6.64 16.00 23.96
C TYR E 48 -7.66 15.41 23.00
N GLN E 49 -8.01 16.17 21.97
CA GLN E 49 -9.02 15.71 21.02
C GLN E 49 -10.28 15.21 21.72
N ASP E 50 -10.78 16.04 22.63
CA ASP E 50 -12.03 15.81 23.37
C ASP E 50 -11.91 14.74 24.46
N ASN E 51 -11.54 13.52 24.09
CA ASN E 51 -11.58 12.43 25.07
C ASN E 51 -10.38 11.46 25.03
N LYS E 52 -9.24 11.91 24.52
CA LYS E 52 -8.08 11.01 24.47
C LYS E 52 -7.04 11.38 25.52
N ARG E 53 -6.53 10.37 26.23
CA ARG E 53 -5.48 10.60 27.20
C ARG E 53 -4.10 10.38 26.55
N PRO E 54 -3.12 11.24 26.85
CA PRO E 54 -1.70 11.06 26.60
C PRO E 54 -1.19 9.90 27.43
N SER E 55 -0.16 9.22 26.94
CA SER E 55 0.44 8.15 27.72
C SER E 55 1.00 8.71 29.02
N GLY E 56 0.80 7.97 30.10
CA GLY E 56 1.31 8.38 31.42
C GLY E 56 0.24 9.08 32.26
N ILE E 57 -0.88 9.44 31.65
CA ILE E 57 -1.96 10.11 32.36
C ILE E 57 -2.89 9.08 33.01
N PRO E 58 -3.14 9.19 34.33
CA PRO E 58 -3.96 8.30 35.12
C PRO E 58 -5.34 8.09 34.52
N GLU E 59 -5.84 6.85 34.68
CA GLU E 59 -7.14 6.44 34.15
C GLU E 59 -8.29 7.16 34.82
N ARG E 60 -7.97 7.94 35.86
CA ARG E 60 -8.96 8.72 36.57
C ARG E 60 -9.56 9.78 35.64
N PHE E 61 -8.81 10.16 34.61
CA PHE E 61 -9.24 11.22 33.70
C PHE E 61 -10.07 10.72 32.52
N SER E 62 -11.15 11.45 32.27
CA SER E 62 -12.02 11.22 31.12
C SER E 62 -12.70 12.53 30.75
N GLY E 63 -13.40 12.57 29.63
CA GLY E 63 -14.08 13.79 29.24
C GLY E 63 -14.91 13.64 27.97
N SER E 64 -15.56 14.73 27.59
CA SER E 64 -16.42 14.76 26.40
C SER E 64 -16.60 16.19 25.90
N ASN E 65 -17.23 16.32 24.73
CA ASN E 65 -17.47 17.62 24.12
C ASN E 65 -18.79 17.62 23.34
N SER E 66 -19.80 18.29 23.89
CA SER E 66 -21.12 18.34 23.25
C SER E 66 -21.83 19.64 23.60
N GLU E 67 -22.73 20.07 22.71
CA GLU E 67 -23.50 21.30 22.93
C GLU E 67 -22.59 22.48 23.25
N ASN E 68 -21.45 22.53 22.56
CA ASN E 68 -20.46 23.59 22.74
C ASN E 68 -19.92 23.70 24.17
N THR E 69 -19.98 22.60 24.91
CA THR E 69 -19.40 22.55 26.24
C THR E 69 -18.49 21.34 26.40
N ALA E 70 -17.27 21.59 26.86
CA ALA E 70 -16.32 20.52 27.12
C ALA E 70 -16.31 20.21 28.61
N THR E 71 -16.15 18.94 28.95
CA THR E 71 -16.08 18.56 30.35
C THR E 71 -14.89 17.66 30.64
N LEU E 72 -14.20 17.97 31.72
CA LEU E 72 -13.16 17.11 32.28
C LEU E 72 -13.68 16.45 33.54
N THR E 73 -13.52 15.14 33.64
CA THR E 73 -14.00 14.40 34.79
C THR E 73 -12.87 13.64 35.46
N ILE E 74 -12.83 13.71 36.79
CA ILE E 74 -11.84 12.96 37.53
C ILE E 74 -12.54 11.97 38.47
N SER E 75 -12.35 10.68 38.22
CA SER E 75 -12.98 9.64 39.02
C SER E 75 -12.08 9.22 40.17
N GLY E 76 -12.57 9.36 41.40
CA GLY E 76 -11.77 9.04 42.57
C GLY E 76 -10.70 10.10 42.78
N THR E 77 -11.11 11.37 42.74
CA THR E 77 -10.18 12.48 42.82
C THR E 77 -9.26 12.35 44.01
N GLN E 78 -7.96 12.49 43.75
CA GLN E 78 -6.95 12.39 44.80
C GLN E 78 -6.54 13.78 45.25
N THR E 79 -5.93 13.87 46.43
CA THR E 79 -5.44 15.16 46.90
C THR E 79 -4.29 15.64 46.03
N MET E 80 -3.66 14.70 45.34
CA MET E 80 -2.57 15.02 44.42
C MET E 80 -3.11 15.70 43.16
N ASP E 81 -4.42 15.64 42.96
CA ASP E 81 -5.07 16.22 41.80
C ASP E 81 -5.52 17.65 42.09
N GLU E 82 -5.17 18.15 43.26
CA GLU E 82 -5.57 19.51 43.62
C GLU E 82 -4.76 20.51 42.81
N ALA E 83 -5.36 20.97 41.72
CA ALA E 83 -4.68 21.80 40.73
C ALA E 83 -5.66 22.68 39.98
N ASP E 84 -5.13 23.68 39.28
CA ASP E 84 -5.95 24.55 38.44
C ASP E 84 -6.06 23.97 37.04
N TYR E 85 -7.28 23.70 36.60
CA TYR E 85 -7.49 23.09 35.30
C TYR E 85 -7.90 24.10 34.24
N TYR E 86 -7.29 24.00 33.08
CA TYR E 86 -7.56 24.93 31.99
C TYR E 86 -8.06 24.20 30.74
N CYS E 87 -8.97 24.84 30.02
CA CYS E 87 -9.42 24.35 28.72
C CYS E 87 -8.73 25.11 27.59
N GLN E 88 -8.49 24.42 26.49
CA GLN E 88 -7.86 25.03 25.32
C GLN E 88 -8.58 24.62 24.05
N ALA E 89 -8.68 25.54 23.10
CA ALA E 89 -9.29 25.25 21.80
C ALA E 89 -8.82 26.24 20.75
N TRP E 90 -8.89 25.84 19.48
CA TRP E 90 -8.49 26.71 18.38
C TRP E 90 -9.68 27.15 17.54
N ASP E 91 -9.58 28.35 16.97
CA ASP E 91 -10.57 28.85 16.03
C ASP E 91 -9.87 29.42 14.80
N LYS E 92 -9.94 28.69 13.69
CA LYS E 92 -9.24 29.10 12.47
C LYS E 92 -7.77 29.35 12.74
N THR E 93 -7.15 28.43 13.47
CA THR E 93 -5.72 28.39 13.84
C THR E 93 -5.35 29.43 14.90
N ILE E 94 -6.33 30.19 15.39
CA ILE E 94 -6.09 31.12 16.48
C ILE E 94 -6.30 30.44 17.82
N ALA E 95 -5.31 30.56 18.71
CA ALA E 95 -5.34 29.90 20.01
C ALA E 95 -6.26 30.63 20.98
N GLY E 96 -6.57 29.96 22.09
CA GLY E 96 -7.32 30.56 23.17
C GLY E 96 -7.36 29.63 24.37
N PHE E 97 -7.34 30.20 25.56
CA PHE E 97 -7.40 29.46 26.81
C PHE E 97 -8.51 29.98 27.70
N GLY E 98 -9.08 29.11 28.53
CA GLY E 98 -10.09 29.52 29.49
C GLY E 98 -9.46 30.20 30.70
N GLY E 99 -10.31 30.74 31.58
CA GLY E 99 -9.84 31.45 32.77
C GLY E 99 -9.10 30.54 33.75
N GLY E 100 -9.53 29.28 33.82
CA GLY E 100 -8.93 28.32 34.73
C GLY E 100 -9.84 28.05 35.93
N THR E 101 -10.02 26.77 36.25
CA THR E 101 -10.88 26.37 37.35
C THR E 101 -10.06 25.78 38.48
N LYS E 102 -10.17 26.36 39.67
CA LYS E 102 -9.43 25.84 40.81
C LYS E 102 -10.16 24.66 41.43
N LEU E 103 -9.53 23.48 41.40
CA LEU E 103 -10.12 22.30 42.00
C LEU E 103 -9.59 22.10 43.40
N THR E 104 -10.47 22.16 44.39
CA THR E 104 -10.10 21.98 45.78
C THR E 104 -10.53 20.59 46.22
N VAL E 105 -9.59 19.83 46.81
CA VAL E 105 -9.85 18.44 47.20
C VAL E 105 -9.75 18.29 48.72
C1 NAG F . 7.35 9.45 7.84
C2 NAG F . 7.25 9.32 9.40
C3 NAG F . 8.48 9.98 10.06
C4 NAG F . 9.74 9.25 9.53
C5 NAG F . 9.78 9.40 7.99
C6 NAG F . 10.99 8.71 7.38
C7 NAG F . 5.68 11.20 9.71
C8 NAG F . 4.39 11.75 10.22
N2 NAG F . 5.99 9.91 9.89
O3 NAG F . 8.39 9.84 11.49
O4 NAG F . 10.91 9.86 10.09
O5 NAG F . 8.57 8.80 7.40
O6 NAG F . 11.10 7.36 7.79
O7 NAG F . 6.47 11.95 9.12
C1 NAG F . 11.77 8.86 10.83
C2 NAG F . 13.18 9.48 11.06
C3 NAG F . 14.05 8.42 11.77
C4 NAG F . 13.37 8.00 13.10
C5 NAG F . 11.96 7.46 12.78
C6 NAG F . 11.20 7.09 14.04
C7 NAG F . 13.77 11.05 9.29
C8 NAG F . 14.39 11.37 7.98
N2 NAG F . 13.79 9.80 9.76
O3 NAG F . 15.35 8.96 12.03
O4 NAG F . 14.14 6.95 13.72
O5 NAG F . 11.17 8.46 12.07
O6 NAG F . 10.03 6.33 13.74
O7 NAG F . 13.23 11.95 9.95
C1 BMA F . 14.71 7.35 15.04
C2 BMA F . 15.22 6.06 15.77
C3 BMA F . 15.79 6.49 17.14
C4 BMA F . 16.92 7.52 16.92
C5 BMA F . 16.33 8.75 16.18
C6 BMA F . 17.37 9.82 15.92
O2 BMA F . 16.22 5.41 14.99
O3 BMA F . 16.28 5.35 17.86
O4 BMA F . 17.45 7.90 18.19
O5 BMA F . 15.77 8.31 14.89
O6 BMA F . 17.49 10.70 17.03
C1 NAG G . 15.83 -14.53 -10.14
C2 NAG G . 16.45 -15.72 -9.34
C3 NAG G . 17.56 -16.36 -10.20
C4 NAG G . 16.95 -16.84 -11.53
C5 NAG G . 16.31 -15.62 -12.26
C6 NAG G . 15.64 -16.00 -13.57
C7 NAG G . 16.68 -15.72 -6.92
C8 NAG G . 17.28 -15.18 -5.65
N2 NAG G . 17.04 -15.22 -8.10
O3 NAG G . 18.14 -17.46 -9.49
O4 NAG G . 17.98 -17.39 -12.37
O5 NAG G . 15.29 -15.01 -11.39
O6 NAG G . 15.44 -14.87 -14.38
O7 NAG G . 15.84 -16.62 -6.86
C1 NAG G . 17.86 -18.87 -12.61
C2 NAG G . 18.71 -19.24 -13.85
C3 NAG G . 18.55 -20.76 -14.11
C4 NAG G . 19.02 -21.52 -12.85
C5 NAG G . 18.17 -21.07 -11.64
C6 NAG G . 18.62 -21.76 -10.36
C7 NAG G . 18.89 -17.48 -15.52
C8 NAG G . 18.37 -16.74 -16.73
N2 NAG G . 18.21 -18.51 -15.03
O3 NAG G . 19.34 -21.13 -15.24
O4 NAG G . 18.88 -22.92 -13.07
O5 NAG G . 18.29 -19.62 -11.45
O6 NAG G . 20.00 -21.53 -10.10
O7 NAG G . 19.95 -17.13 -15.01
C1 NAG H . -9.63 -3.55 -26.79
C2 NAG H . -9.11 -4.13 -28.16
C3 NAG H . -10.19 -3.89 -29.23
C4 NAG H . -11.51 -4.58 -28.80
C5 NAG H . -11.93 -4.00 -27.42
C6 NAG H . -13.18 -4.69 -26.90
C7 NAG H . -6.70 -4.01 -28.30
C8 NAG H . -5.44 -3.31 -28.70
N2 NAG H . -7.88 -3.45 -28.55
O3 NAG H . -9.74 -4.42 -30.48
O4 NAG H . -12.53 -4.28 -29.76
O5 NAG H . -10.87 -4.20 -26.44
O6 NAG H . -13.64 -4.07 -25.71
O7 NAG H . -6.63 -5.11 -27.74
C1 NAG H . -13.09 -5.51 -30.43
C2 NAG H . -14.38 -5.12 -31.24
C3 NAG H . -14.94 -6.41 -31.89
C4 NAG H . -13.85 -7.04 -32.77
C5 NAG H . -12.61 -7.36 -31.91
C6 NAG H . -11.49 -7.95 -32.74
C7 NAG H . -15.63 -3.26 -30.32
C8 NAG H . -16.68 -2.69 -29.41
N2 NAG H . -15.40 -4.56 -30.35
O3 NAG H . -16.09 -6.11 -32.68
O4 NAG H . -14.37 -8.24 -33.36
O5 NAG H . -12.11 -6.13 -31.28
O6 NAG H . -11.06 -7.06 -33.76
O7 NAG H . -15.00 -2.50 -31.07
C1 NAG I . 11.65 26.97 -25.17
C2 NAG I . 10.25 27.07 -25.88
C3 NAG I . 9.95 28.56 -26.17
C4 NAG I . 9.97 29.34 -24.83
C5 NAG I . 11.36 29.16 -24.16
C6 NAG I . 11.41 29.85 -22.81
C7 NAG I . 9.61 25.23 -27.32
C8 NAG I . 9.69 24.49 -28.62
N2 NAG I . 10.32 26.34 -27.15
O3 NAG I . 8.67 28.68 -26.78
O4 NAG I . 9.72 30.72 -25.08
O5 NAG I . 11.62 27.73 -23.94
O6 NAG I . 12.75 30.01 -22.37
O7 NAG I . 8.88 24.80 -26.42
C1 NAG J . 17.85 -14.05 8.24
C2 NAG J . 19.18 -14.88 8.14
C3 NAG J . 19.03 -16.14 9.02
C4 NAG J . 18.74 -15.70 10.47
C5 NAG J . 17.45 -14.84 10.49
C6 NAG J . 17.16 -14.33 11.89
C7 NAG J . 20.20 -14.57 5.96
C8 NAG J . 20.43 -14.99 4.54
N2 NAG J . 19.41 -15.29 6.75
O3 NAG J . 20.23 -16.90 8.97
O4 NAG J . 18.57 -16.86 11.28
O5 NAG J . 17.60 -13.69 9.61
O6 NAG J . 15.81 -13.86 11.99
O7 NAG J . 20.75 -13.54 6.38
C1 NAG K . -18.16 16.08 6.50
C2 NAG K . -19.11 17.31 6.63
C3 NAG K . -20.37 16.87 7.41
C4 NAG K . -21.05 15.72 6.65
C5 NAG K . -20.05 14.54 6.51
C6 NAG K . -20.65 13.40 5.72
C7 NAG K . -17.84 19.37 6.74
C8 NAG K . -17.15 20.46 7.50
N2 NAG K . -18.43 18.37 7.39
O3 NAG K . -21.28 17.98 7.52
O4 NAG K . -22.21 15.30 7.36
O5 NAG K . -18.84 15.00 5.81
O6 NAG K . -19.90 12.20 5.90
O7 NAG K . -17.86 19.42 5.50
C1 NAG L . -7.10 -13.74 10.05
C2 NAG L . -6.26 -13.68 11.37
C3 NAG L . -5.26 -14.86 11.37
C4 NAG L . -6.04 -16.18 11.27
C5 NAG L . -6.89 -16.16 9.97
C6 NAG L . -7.72 -17.43 9.85
C7 NAG L . -5.97 -11.38 12.08
C8 NAG L . -5.20 -10.08 12.10
N2 NAG L . -5.51 -12.42 11.39
O3 NAG L . -4.50 -14.83 12.59
O4 NAG L . -5.13 -17.27 11.26
O5 NAG L . -7.79 -15.01 9.98
O6 NAG L . -8.26 -17.57 8.54
O7 NAG L . -7.04 -11.46 12.71
C1 NAG M . -13.03 0.21 14.28
C2 NAG M . -12.27 -0.23 15.58
C3 NAG M . -13.02 -1.41 16.21
C4 NAG M . -14.47 -0.97 16.53
C5 NAG M . -15.15 -0.51 15.22
C6 NAG M . -16.56 0.00 15.47
C7 NAG M . -9.86 0.10 15.51
C8 NAG M . -8.48 -0.35 15.14
N2 NAG M . -10.91 -0.66 15.21
O3 NAG M . -12.36 -1.82 17.41
O4 NAG M . -15.18 -2.07 17.10
O5 NAG M . -14.38 0.58 14.62
O6 NAG M . -16.57 1.07 16.41
O7 NAG M . -10.01 1.18 16.09
#